data_3ESH
#
_entry.id   3ESH
#
_cell.length_a   113.110
_cell.length_b   113.110
_cell.length_c   155.807
_cell.angle_alpha   90.00
_cell.angle_beta   90.00
_cell.angle_gamma   90.00
#
_symmetry.space_group_name_H-M   'P 42 21 2'
#
loop_
_entity.id
_entity.type
_entity.pdbx_description
1 polymer 'Protein similar to metal-dependent hydrolase'
2 water water
#
_entity_poly.entity_id   1
_entity_poly.type   'polypeptide(L)'
_entity_poly.pdbx_seq_one_letter_code
;(MSE)KIGDISIHYLNGGNTK(MSE)DGGA(MSE)FGVVPKPLWSKQYNANERNQINLPTHPILIQTAQYNLIIDAGIGN
GKLSEKQLRNFGVDEESHIIADLANYNLTPKDIDYVL(MSE)TH(MSE)HFDHAAGLTDQAGHAIFENAIHVVQQDEWHE
FIAPNIRSKSTYWDKNKGDYSNKLILFEKHFEPVPGIK(MSE)QHSGGHSFGHTIITIESQGDKAVH(MSE)GDIFPTTA
HKNPLWVTAYDDYP(MSE)QSIREKER(MSE)IPYFIQQQYWFLFYHDENYFAVKYSDDGENIDAYILRETLVDNN
;
_entity_poly.pdbx_strand_id   A,B,C
#
# COMPACT_ATOMS: atom_id res chain seq x y z
N MSE A 1 26.50 9.70 18.38
CA MSE A 1 26.04 8.38 17.86
C MSE A 1 27.17 7.62 17.17
O MSE A 1 27.94 8.20 16.43
CB MSE A 1 24.91 8.58 16.85
CG MSE A 1 23.51 8.29 17.38
SE MSE A 1 22.72 6.73 16.51
CE MSE A 1 23.03 7.22 14.68
N LYS A 2 27.24 6.32 17.42
CA LYS A 2 28.25 5.51 16.77
C LYS A 2 27.69 4.17 16.28
N ILE A 3 27.84 3.92 14.98
CA ILE A 3 27.41 2.68 14.37
C ILE A 3 28.71 2.04 13.92
N GLY A 4 29.20 1.06 14.67
CA GLY A 4 30.45 0.42 14.31
C GLY A 4 31.55 1.47 14.20
N ASP A 5 32.23 1.52 13.06
CA ASP A 5 33.31 2.50 12.87
C ASP A 5 32.75 3.84 12.40
N ILE A 6 31.46 3.87 12.11
CA ILE A 6 30.84 5.11 11.62
C ILE A 6 30.29 6.01 12.72
N SER A 7 30.60 7.30 12.60
CA SER A 7 30.11 8.28 13.56
C SER A 7 28.92 9.03 12.92
N ILE A 8 27.83 9.16 13.66
CA ILE A 8 26.64 9.83 13.16
C ILE A 8 26.22 10.99 14.05
N HIS A 9 25.95 12.16 13.46
CA HIS A 9 25.51 13.34 14.21
C HIS A 9 24.50 14.14 13.41
N TYR A 10 23.86 15.10 14.06
CA TYR A 10 22.90 15.95 13.39
C TYR A 10 23.41 17.40 13.35
N LEU A 11 22.96 18.15 12.36
CA LEU A 11 23.37 19.54 12.19
C LEU A 11 22.13 20.44 12.11
N ASN A 12 22.19 21.57 12.82
CA ASN A 12 21.09 22.52 12.86
C ASN A 12 20.98 23.30 11.54
N GLY A 13 20.20 22.77 10.60
CA GLY A 13 20.02 23.43 9.33
C GLY A 13 18.80 24.32 9.31
N GLY A 14 18.28 24.60 10.50
CA GLY A 14 17.10 25.45 10.61
C GLY A 14 15.85 24.68 11.01
N ASN A 15 14.69 25.28 10.77
CA ASN A 15 13.43 24.65 11.10
C ASN A 15 12.28 25.25 10.30
N THR A 16 11.15 24.57 10.31
CA THR A 16 9.95 25.02 9.62
C THR A 16 8.73 24.60 10.43
N LYS A 17 7.65 25.38 10.34
CA LYS A 17 6.44 25.05 11.04
C LYS A 17 5.39 24.77 9.96
N MSE A 18 4.99 23.50 9.85
CA MSE A 18 4.02 23.08 8.86
C MSE A 18 2.70 22.73 9.53
O MSE A 18 2.69 22.30 10.68
CB MSE A 18 4.53 21.86 8.10
CG MSE A 18 5.82 22.04 7.35
SE MSE A 18 5.69 23.48 6.11
CE MSE A 18 6.94 24.63 6.99
N ASP A 19 1.60 22.91 8.81
CA ASP A 19 0.27 22.59 9.33
C ASP A 19 0.17 21.11 9.74
N GLY A 20 -0.24 20.86 10.98
CA GLY A 20 -0.37 19.49 11.47
C GLY A 20 -1.29 18.62 10.64
N GLY A 21 -2.44 19.17 10.26
CA GLY A 21 -3.38 18.40 9.47
C GLY A 21 -2.76 17.86 8.19
N ALA A 22 -1.89 18.66 7.59
CA ALA A 22 -1.24 18.25 6.35
C ALA A 22 -0.15 17.22 6.60
N MSE A 23 0.47 17.31 7.77
CA MSE A 23 1.54 16.37 8.13
C MSE A 23 1.00 15.03 8.63
O MSE A 23 1.78 14.09 8.78
CB MSE A 23 2.46 16.97 9.20
CG MSE A 23 3.33 18.08 8.73
SE MSE A 23 4.69 17.51 7.45
CE MSE A 23 5.66 16.36 8.60
N PHE A 24 -0.30 14.95 8.88
CA PHE A 24 -0.87 13.70 9.39
C PHE A 24 -2.02 13.14 8.55
N GLY A 25 -2.30 13.83 7.45
CA GLY A 25 -3.32 13.40 6.54
C GLY A 25 -4.66 12.99 7.14
N VAL A 26 -5.00 11.71 6.99
CA VAL A 26 -6.27 11.18 7.47
C VAL A 26 -6.43 11.07 8.98
N VAL A 27 -5.34 11.11 9.73
CA VAL A 27 -5.41 11.00 11.18
C VAL A 27 -6.09 12.23 11.78
N PRO A 28 -7.23 12.04 12.46
CA PRO A 28 -7.97 13.15 13.08
C PRO A 28 -7.05 13.88 14.04
N LYS A 29 -7.23 15.20 14.20
CA LYS A 29 -6.40 15.98 15.11
C LYS A 29 -6.37 15.49 16.56
N PRO A 30 -7.55 15.12 17.11
CA PRO A 30 -7.62 14.62 18.49
C PRO A 30 -6.58 13.52 18.75
N LEU A 31 -6.35 12.69 17.74
CA LEU A 31 -5.37 11.61 17.86
C LEU A 31 -3.93 12.07 17.63
N TRP A 32 -3.66 12.80 16.53
CA TRP A 32 -2.29 13.23 16.31
C TRP A 32 -1.81 14.34 17.24
N SER A 33 -2.72 15.19 17.71
CA SER A 33 -2.30 16.28 18.61
C SER A 33 -1.73 15.73 19.93
N LYS A 34 -2.11 14.51 20.27
CA LYS A 34 -1.61 13.85 21.47
C LYS A 34 -0.26 13.20 21.24
N GLN A 35 0.12 13.04 19.96
CA GLN A 35 1.41 12.42 19.62
C GLN A 35 2.46 13.47 19.22
N TYR A 36 2.02 14.65 18.80
CA TYR A 36 2.93 15.70 18.37
C TYR A 36 2.25 17.02 18.72
N ASN A 37 3.00 17.99 19.19
CA ASN A 37 2.41 19.27 19.58
C ASN A 37 2.17 20.26 18.45
N ALA A 38 1.04 20.96 18.52
CA ALA A 38 0.68 21.97 17.52
C ALA A 38 0.40 23.29 18.25
N ASN A 39 0.48 24.40 17.54
CA ASN A 39 0.22 25.70 18.15
C ASN A 39 -1.17 26.22 17.81
N GLU A 40 -1.42 27.47 18.17
CA GLU A 40 -2.71 28.13 17.93
C GLU A 40 -3.05 28.17 16.43
N ARG A 41 -2.03 27.98 15.59
CA ARG A 41 -2.25 28.01 14.16
C ARG A 41 -2.23 26.63 13.50
N ASN A 42 -2.36 25.59 14.31
CA ASN A 42 -2.37 24.21 13.82
C ASN A 42 -1.04 23.79 13.22
N GLN A 43 -0.01 24.57 13.47
CA GLN A 43 1.32 24.27 12.95
C GLN A 43 2.12 23.48 13.97
N ILE A 44 2.87 22.47 13.50
CA ILE A 44 3.72 21.71 14.40
C ILE A 44 5.15 22.06 14.01
N ASN A 45 6.07 22.02 14.97
CA ASN A 45 7.45 22.39 14.73
C ASN A 45 8.29 21.26 14.14
N LEU A 46 8.86 21.52 12.97
CA LEU A 46 9.68 20.53 12.30
C LEU A 46 11.10 20.99 11.99
N PRO A 47 12.06 20.55 12.80
CA PRO A 47 13.45 20.94 12.55
C PRO A 47 13.87 20.40 11.17
N THR A 48 14.81 21.08 10.53
CA THR A 48 15.36 20.64 9.25
C THR A 48 16.85 20.48 9.59
N HIS A 49 17.17 19.36 10.23
CA HIS A 49 18.54 19.07 10.67
C HIS A 49 19.26 17.98 9.88
N PRO A 50 20.17 18.38 8.97
CA PRO A 50 20.88 17.36 8.20
C PRO A 50 21.63 16.36 9.07
N ILE A 51 21.89 15.18 8.51
CA ILE A 51 22.58 14.12 9.25
C ILE A 51 24.01 13.98 8.78
N LEU A 52 24.95 14.29 9.66
CA LEU A 52 26.38 14.18 9.36
C LEU A 52 26.86 12.76 9.57
N ILE A 53 27.41 12.16 8.53
CA ILE A 53 27.92 10.80 8.61
C ILE A 53 29.42 10.79 8.32
N GLN A 54 30.21 10.30 9.27
CA GLN A 54 31.66 10.24 9.08
C GLN A 54 32.20 8.83 9.15
N THR A 55 32.77 8.36 8.05
CA THR A 55 33.36 7.04 8.00
C THR A 55 34.85 7.30 8.17
N ALA A 56 35.66 6.24 8.24
CA ALA A 56 37.10 6.43 8.40
C ALA A 56 37.64 7.33 7.29
N GLN A 57 37.14 7.14 6.07
CA GLN A 57 37.62 7.92 4.94
C GLN A 57 36.76 9.11 4.50
N TYR A 58 35.45 8.93 4.43
CA TYR A 58 34.59 10.00 3.95
C TYR A 58 33.67 10.67 4.94
N ASN A 59 33.30 11.91 4.61
CA ASN A 59 32.37 12.72 5.40
C ASN A 59 31.18 13.00 4.47
N LEU A 60 29.97 12.85 4.97
CA LEU A 60 28.80 13.12 4.14
C LEU A 60 27.58 13.60 4.92
N ILE A 61 26.65 14.25 4.22
CA ILE A 61 25.43 14.78 4.84
C ILE A 61 24.20 14.18 4.17
N ILE A 62 23.08 14.03 4.90
CA ILE A 62 21.88 13.45 4.31
C ILE A 62 20.94 14.45 3.66
N ASP A 63 21.01 15.71 4.05
CA ASP A 63 20.20 16.72 3.41
C ASP A 63 20.88 18.06 3.69
N ALA A 64 20.22 19.18 3.40
CA ALA A 64 20.90 20.46 3.58
C ALA A 64 20.16 21.55 4.32
N GLY A 65 19.05 21.23 4.96
CA GLY A 65 18.32 22.27 5.68
C GLY A 65 17.76 23.38 4.79
N ILE A 66 17.37 24.49 5.41
CA ILE A 66 16.80 25.62 4.70
C ILE A 66 17.78 26.70 4.28
N GLY A 67 19.06 26.46 4.55
CA GLY A 67 20.08 27.43 4.16
C GLY A 67 20.08 28.81 4.82
N ASN A 68 20.80 29.74 4.18
CA ASN A 68 20.96 31.10 4.68
C ASN A 68 20.68 32.10 3.57
N GLY A 69 19.69 32.96 3.78
CA GLY A 69 19.32 33.93 2.76
C GLY A 69 18.58 33.36 1.56
N LYS A 70 18.24 32.07 1.59
CA LYS A 70 17.53 31.43 0.47
C LYS A 70 16.02 31.69 0.43
N LEU A 71 15.37 31.52 1.58
CA LEU A 71 13.93 31.76 1.67
C LEU A 71 13.73 33.26 1.74
N SER A 72 12.66 33.75 1.13
CA SER A 72 12.38 35.17 1.16
C SER A 72 11.81 35.51 2.54
N GLU A 73 11.42 36.77 2.71
CA GLU A 73 10.87 37.22 3.97
C GLU A 73 9.46 36.66 4.10
N LYS A 74 8.76 36.60 2.98
CA LYS A 74 7.40 36.08 2.96
C LYS A 74 7.40 34.58 3.22
N GLN A 75 8.41 33.88 2.70
CA GLN A 75 8.49 32.45 2.91
C GLN A 75 8.93 32.13 4.33
N LEU A 76 9.83 32.94 4.89
CA LEU A 76 10.28 32.69 6.25
C LEU A 76 9.07 32.75 7.18
N ARG A 77 8.21 33.74 6.98
CA ARG A 77 7.03 33.86 7.81
C ARG A 77 6.00 32.77 7.55
N ASN A 78 5.65 32.56 6.28
CA ASN A 78 4.69 31.54 5.93
C ASN A 78 5.11 30.13 6.35
N PHE A 79 6.42 29.89 6.44
CA PHE A 79 6.93 28.57 6.82
C PHE A 79 7.40 28.44 8.26
N GLY A 80 7.04 29.43 9.08
CA GLY A 80 7.39 29.41 10.48
C GLY A 80 8.83 29.17 10.85
N VAL A 81 9.74 29.78 10.11
CA VAL A 81 11.15 29.63 10.39
C VAL A 81 11.53 30.51 11.59
N ASP A 82 12.04 29.89 12.65
CA ASP A 82 12.44 30.66 13.83
C ASP A 82 13.87 31.14 13.61
N GLU A 83 14.71 30.21 13.17
CA GLU A 83 16.11 30.50 12.90
C GLU A 83 16.47 29.83 11.59
N GLU A 84 17.40 30.41 10.86
CA GLU A 84 17.86 29.84 9.60
C GLU A 84 18.97 28.87 9.95
N SER A 85 19.57 28.27 8.93
CA SER A 85 20.64 27.30 9.11
C SER A 85 21.87 27.77 9.87
N HIS A 86 22.46 26.85 10.64
CA HIS A 86 23.68 27.07 11.42
C HIS A 86 24.60 25.94 11.03
N ILE A 87 24.44 25.47 9.80
CA ILE A 87 25.24 24.34 9.33
C ILE A 87 26.75 24.57 9.33
N ILE A 88 27.19 25.81 9.13
CA ILE A 88 28.64 26.07 9.13
C ILE A 88 29.20 25.95 10.55
N ALA A 89 28.62 26.69 11.48
CA ALA A 89 29.07 26.65 12.87
C ALA A 89 28.93 25.24 13.47
N ASP A 90 27.84 24.56 13.16
CA ASP A 90 27.63 23.20 13.67
C ASP A 90 28.72 22.28 13.17
N LEU A 91 29.08 22.42 11.89
CA LEU A 91 30.12 21.59 11.31
C LEU A 91 31.46 21.82 11.99
N ALA A 92 31.73 23.08 12.35
CA ALA A 92 32.98 23.42 13.01
C ALA A 92 33.13 22.63 14.31
N ASN A 93 32.03 22.48 15.04
CA ASN A 93 32.04 21.73 16.30
C ASN A 93 32.66 20.35 16.12
N TYR A 94 32.80 19.91 14.86
CA TYR A 94 33.39 18.61 14.56
C TYR A 94 34.68 18.78 13.77
N ASN A 95 35.22 20.00 13.77
CA ASN A 95 36.45 20.29 13.05
C ASN A 95 36.31 20.05 11.56
N LEU A 96 35.18 20.50 11.02
CA LEU A 96 34.88 20.36 9.60
C LEU A 96 34.42 21.69 9.01
N THR A 97 34.62 21.83 7.71
CA THR A 97 34.23 23.03 6.96
C THR A 97 33.41 22.58 5.76
N PRO A 98 32.47 23.43 5.30
CA PRO A 98 31.62 23.12 4.14
C PRO A 98 32.54 22.98 2.93
N LYS A 99 33.49 22.07 3.03
CA LYS A 99 34.47 21.88 1.97
C LYS A 99 35.16 20.54 2.21
N ASP A 100 34.96 20.00 3.40
CA ASP A 100 35.54 18.72 3.78
C ASP A 100 34.48 17.64 3.57
N ILE A 101 33.33 18.09 3.08
CA ILE A 101 32.22 17.19 2.80
C ILE A 101 32.44 16.54 1.44
N ASP A 102 32.37 15.22 1.42
CA ASP A 102 32.58 14.45 0.21
C ASP A 102 31.29 14.12 -0.53
N TYR A 103 30.24 13.78 0.22
CA TYR A 103 28.97 13.45 -0.42
C TYR A 103 27.77 14.09 0.26
N VAL A 104 26.83 14.58 -0.56
CA VAL A 104 25.59 15.14 -0.05
C VAL A 104 24.57 14.20 -0.67
N LEU A 105 23.97 13.34 0.14
CA LEU A 105 22.97 12.37 -0.33
C LEU A 105 21.61 12.95 -0.05
N MSE A 106 20.74 13.03 -1.04
CA MSE A 106 19.41 13.62 -0.85
C MSE A 106 18.30 12.57 -0.85
O MSE A 106 18.24 11.70 -1.70
CB MSE A 106 19.12 14.63 -1.97
CG MSE A 106 20.16 15.70 -2.18
SE MSE A 106 20.31 16.91 -0.65
CE MSE A 106 18.57 17.65 -0.81
N THR A 107 17.41 12.64 0.14
CA THR A 107 16.28 11.71 0.22
C THR A 107 15.28 12.16 -0.85
N HIS A 108 15.19 13.48 -1.01
CA HIS A 108 14.32 14.10 -2.01
C HIS A 108 14.65 15.60 -2.10
N MSE A 109 14.18 16.26 -3.15
CA MSE A 109 14.50 17.67 -3.40
C MSE A 109 13.51 18.77 -2.97
O MSE A 109 13.58 19.90 -3.47
CB MSE A 109 14.83 17.86 -4.88
CG MSE A 109 16.07 17.11 -5.33
SE MSE A 109 17.76 17.76 -4.54
CE MSE A 109 17.61 19.57 -5.23
N HIS A 110 12.62 18.45 -2.04
CA HIS A 110 11.66 19.45 -1.55
C HIS A 110 12.48 20.58 -0.89
N PHE A 111 11.91 21.78 -0.81
CA PHE A 111 12.65 22.92 -0.26
C PHE A 111 13.15 22.72 1.17
N ASP A 112 12.33 22.08 2.01
CA ASP A 112 12.73 21.86 3.39
C ASP A 112 14.00 21.00 3.49
N HIS A 113 14.41 20.40 2.37
CA HIS A 113 15.60 19.56 2.35
C HIS A 113 16.73 20.06 1.45
N ALA A 114 16.38 20.79 0.39
CA ALA A 114 17.38 21.26 -0.57
C ALA A 114 17.72 22.75 -0.61
N ALA A 115 16.98 23.59 0.09
CA ALA A 115 17.27 25.02 0.06
C ALA A 115 18.69 25.37 0.50
N GLY A 116 19.21 24.61 1.46
CA GLY A 116 20.55 24.88 1.96
C GLY A 116 21.67 24.32 1.09
N LEU A 117 21.36 23.94 -0.14
CA LEU A 117 22.38 23.39 -1.04
C LEU A 117 23.23 24.46 -1.69
N THR A 118 22.69 25.67 -1.84
CA THR A 118 23.43 26.76 -2.44
C THR A 118 23.16 28.04 -1.69
N ASP A 119 24.01 29.04 -1.87
CA ASP A 119 23.80 30.33 -1.24
C ASP A 119 23.11 31.11 -2.35
N GLN A 120 22.91 32.40 -2.12
CA GLN A 120 22.26 33.25 -3.14
C GLN A 120 23.18 33.39 -4.34
N ALA A 121 22.59 33.56 -5.52
CA ALA A 121 23.45 33.63 -6.69
C ALA A 121 23.71 32.14 -7.01
N GLY A 122 22.90 31.26 -6.43
CA GLY A 122 22.98 29.83 -6.66
C GLY A 122 24.36 29.23 -6.80
N HIS A 123 25.35 29.77 -6.09
CA HIS A 123 26.68 29.20 -6.17
C HIS A 123 26.60 27.73 -5.76
N ALA A 124 26.84 27.46 -4.49
CA ALA A 124 26.79 26.10 -3.98
C ALA A 124 27.57 25.91 -2.70
N ILE A 125 26.86 25.75 -1.59
CA ILE A 125 27.51 25.49 -0.32
C ILE A 125 28.04 24.10 -0.65
N PHE A 126 29.08 23.59 0.01
CA PHE A 126 29.57 22.23 -0.28
C PHE A 126 30.16 22.02 -1.70
N GLU A 127 31.19 22.82 -2.04
CA GLU A 127 31.89 22.83 -3.32
C GLU A 127 32.64 21.58 -3.81
N ASN A 128 33.20 20.79 -2.91
CA ASN A 128 33.94 19.60 -3.31
C ASN A 128 33.11 18.31 -3.20
N ALA A 129 31.88 18.45 -2.73
CA ALA A 129 31.01 17.28 -2.54
C ALA A 129 30.27 16.78 -3.78
N ILE A 130 30.21 15.47 -3.90
CA ILE A 130 29.48 14.84 -4.98
C ILE A 130 28.03 14.81 -4.47
N HIS A 131 27.08 15.22 -5.30
CA HIS A 131 25.68 15.21 -4.90
C HIS A 131 24.91 14.08 -5.57
N VAL A 132 24.29 13.25 -4.73
CA VAL A 132 23.54 12.08 -5.20
C VAL A 132 22.03 12.23 -5.08
N VAL A 133 21.33 12.06 -6.18
CA VAL A 133 19.88 12.16 -6.21
C VAL A 133 19.29 11.05 -7.08
N GLN A 134 18.10 10.59 -6.70
CA GLN A 134 17.45 9.56 -7.48
C GLN A 134 17.11 10.27 -8.80
N GLN A 135 17.30 9.57 -9.92
CA GLN A 135 17.08 10.16 -11.25
C GLN A 135 15.71 10.77 -11.52
N ASP A 136 14.64 10.11 -11.09
CA ASP A 136 13.29 10.65 -11.33
C ASP A 136 12.99 11.81 -10.40
N GLU A 137 13.55 11.76 -9.19
CA GLU A 137 13.36 12.83 -8.22
C GLU A 137 13.93 14.10 -8.86
N TRP A 138 15.15 13.98 -9.38
CA TRP A 138 15.84 15.09 -10.03
C TRP A 138 15.06 15.64 -11.23
N HIS A 139 14.53 14.72 -12.05
CA HIS A 139 13.74 15.10 -13.23
C HIS A 139 12.53 15.94 -12.86
N GLU A 140 11.85 15.56 -11.79
CA GLU A 140 10.69 16.33 -11.38
C GLU A 140 11.14 17.63 -10.70
N PHE A 141 12.27 17.58 -10.03
CA PHE A 141 12.79 18.76 -9.36
C PHE A 141 12.97 19.92 -10.36
N ILE A 142 13.48 19.60 -11.55
CA ILE A 142 13.70 20.64 -12.56
C ILE A 142 12.49 20.83 -13.45
N ALA A 143 11.56 19.88 -13.43
CA ALA A 143 10.33 19.96 -14.23
C ALA A 143 9.14 19.62 -13.34
N PRO A 144 8.87 20.46 -12.33
CA PRO A 144 7.75 20.20 -11.41
C PRO A 144 6.38 20.51 -12.03
N ASN A 145 5.36 19.80 -11.56
CA ASN A 145 3.97 20.00 -12.02
C ASN A 145 3.28 21.09 -11.17
N ILE A 146 2.00 21.39 -11.45
CA ILE A 146 1.29 22.43 -10.70
C ILE A 146 1.23 22.23 -9.21
N ARG A 147 1.46 21.00 -8.76
CA ARG A 147 1.45 20.71 -7.34
C ARG A 147 2.85 20.70 -6.71
N SER A 148 3.82 20.02 -7.32
CA SER A 148 5.17 19.97 -6.73
C SER A 148 5.96 21.24 -6.95
N LYS A 149 5.35 22.17 -7.69
CA LYS A 149 5.94 23.45 -8.00
C LYS A 149 6.13 24.20 -6.68
N SER A 150 5.16 24.05 -5.80
CA SER A 150 5.20 24.71 -4.49
C SER A 150 6.42 24.35 -3.64
N THR A 151 7.04 23.18 -3.85
CA THR A 151 8.24 22.83 -3.07
C THR A 151 9.52 22.67 -3.90
N TYR A 152 9.38 22.39 -5.18
CA TYR A 152 10.55 22.28 -6.06
C TYR A 152 10.76 23.68 -6.63
N TRP A 153 11.80 24.36 -6.18
CA TRP A 153 12.06 25.73 -6.61
C TRP A 153 13.28 25.88 -7.49
N ASP A 154 13.13 26.67 -8.57
CA ASP A 154 14.24 26.94 -9.49
C ASP A 154 15.32 27.60 -8.66
N LYS A 155 14.87 28.42 -7.72
CA LYS A 155 15.74 29.15 -6.82
C LYS A 155 16.75 28.24 -6.10
N ASN A 156 16.50 26.94 -6.13
CA ASN A 156 17.37 25.95 -5.46
C ASN A 156 18.35 25.23 -6.39
N LYS A 157 18.43 25.69 -7.63
CA LYS A 157 19.35 25.09 -8.61
C LYS A 157 20.75 25.67 -8.35
N GLY A 158 21.79 25.02 -8.86
CA GLY A 158 23.13 25.55 -8.65
C GLY A 158 24.34 24.68 -8.93
N ASP A 159 25.52 25.31 -8.83
CA ASP A 159 26.84 24.72 -9.04
C ASP A 159 27.00 23.27 -8.65
N TYR A 160 26.36 22.88 -7.56
CA TYR A 160 26.45 21.52 -7.08
C TYR A 160 26.05 20.57 -8.20
N SER A 161 25.12 21.01 -9.05
CA SER A 161 24.69 20.16 -10.15
C SER A 161 25.85 19.75 -11.05
N ASN A 162 27.04 20.31 -10.81
CA ASN A 162 28.23 19.96 -11.60
C ASN A 162 28.72 18.58 -11.24
N LYS A 163 28.72 18.25 -9.96
CA LYS A 163 29.18 16.96 -9.48
C LYS A 163 28.01 16.07 -9.11
N LEU A 164 26.94 16.16 -9.90
CA LEU A 164 25.72 15.40 -9.67
C LEU A 164 25.80 13.98 -10.21
N ILE A 165 25.45 13.00 -9.37
CA ILE A 165 25.43 11.59 -9.78
C ILE A 165 23.99 11.13 -9.56
N LEU A 166 23.41 10.44 -10.54
CA LEU A 166 22.05 9.95 -10.45
C LEU A 166 21.99 8.44 -10.35
N PHE A 167 20.99 7.95 -9.62
CA PHE A 167 20.77 6.52 -9.46
C PHE A 167 19.28 6.22 -9.65
N GLU A 168 18.98 4.99 -10.05
CA GLU A 168 17.59 4.60 -10.27
C GLU A 168 16.95 3.90 -9.08
N LYS A 169 17.39 2.69 -8.75
CA LYS A 169 16.80 1.95 -7.65
C LYS A 169 17.65 1.94 -6.38
N HIS A 170 18.92 1.58 -6.49
CA HIS A 170 19.82 1.56 -5.34
C HIS A 170 21.20 2.08 -5.71
N PHE A 171 21.97 2.51 -4.71
CA PHE A 171 23.31 3.03 -4.94
C PHE A 171 24.07 3.02 -3.62
N GLU A 172 25.30 2.49 -3.66
CA GLU A 172 26.14 2.43 -2.47
C GLU A 172 27.37 3.32 -2.72
N PRO A 173 27.31 4.59 -2.27
CA PRO A 173 28.37 5.60 -2.41
C PRO A 173 29.72 5.13 -1.86
N VAL A 174 29.78 4.99 -0.55
CA VAL A 174 30.98 4.52 0.14
C VAL A 174 30.49 3.27 0.88
N PRO A 175 31.35 2.27 1.10
CA PRO A 175 30.89 1.06 1.79
C PRO A 175 30.06 1.31 3.04
N GLY A 176 28.99 0.54 3.21
CA GLY A 176 28.15 0.70 4.38
C GLY A 176 26.98 1.66 4.24
N ILE A 177 27.05 2.58 3.30
CA ILE A 177 25.98 3.54 3.09
C ILE A 177 25.20 3.13 1.84
N LYS A 178 23.94 2.74 2.01
CA LYS A 178 23.12 2.30 0.89
C LYS A 178 21.84 3.12 0.66
N MSE A 179 21.73 3.74 -0.50
CA MSE A 179 20.55 4.53 -0.85
C MSE A 179 19.56 3.63 -1.57
O MSE A 179 19.96 2.75 -2.32
CB MSE A 179 20.95 5.68 -1.76
CG MSE A 179 21.93 6.57 -1.08
SE MSE A 179 22.51 7.90 -2.32
CE MSE A 179 21.17 9.18 -2.01
N GLN A 180 18.27 3.86 -1.35
CA GLN A 180 17.25 3.02 -1.98
C GLN A 180 15.94 3.72 -2.32
N HIS A 181 15.61 3.72 -3.60
CA HIS A 181 14.39 4.35 -4.11
C HIS A 181 13.14 3.79 -3.44
N SER A 182 12.40 4.63 -2.71
CA SER A 182 11.20 4.17 -2.03
C SER A 182 9.93 4.69 -2.66
N GLY A 183 9.96 5.94 -3.12
CA GLY A 183 8.77 6.51 -3.71
C GLY A 183 7.83 6.83 -2.58
N GLY A 184 6.57 7.13 -2.90
CA GLY A 184 5.61 7.41 -1.85
C GLY A 184 5.46 8.88 -1.57
N HIS A 185 6.27 9.41 -0.66
CA HIS A 185 6.21 10.83 -0.34
C HIS A 185 6.47 11.62 -1.61
N SER A 186 7.39 11.09 -2.39
CA SER A 186 7.80 11.71 -3.64
C SER A 186 7.95 10.55 -4.63
N PHE A 187 7.81 10.82 -5.92
CA PHE A 187 7.97 9.72 -6.86
C PHE A 187 9.39 9.22 -6.80
N GLY A 188 10.33 10.11 -6.51
CA GLY A 188 11.72 9.72 -6.46
C GLY A 188 12.28 9.67 -5.05
N HIS A 189 11.41 9.71 -4.05
CA HIS A 189 11.87 9.68 -2.67
C HIS A 189 12.78 8.49 -2.39
N THR A 190 13.82 8.75 -1.60
CA THR A 190 14.83 7.76 -1.26
C THR A 190 15.10 7.63 0.25
N ILE A 191 15.42 6.43 0.70
CA ILE A 191 15.74 6.20 2.10
C ILE A 191 17.21 5.77 2.14
N ILE A 192 17.87 5.93 3.28
CA ILE A 192 19.28 5.58 3.38
C ILE A 192 19.56 4.71 4.60
N THR A 193 20.42 3.71 4.44
CA THR A 193 20.77 2.83 5.53
C THR A 193 22.28 2.90 5.78
N ILE A 194 22.67 2.78 7.04
CA ILE A 194 24.08 2.81 7.43
C ILE A 194 24.41 1.55 8.20
N GLU A 195 25.49 0.88 7.82
CA GLU A 195 25.91 -0.35 8.49
C GLU A 195 27.41 -0.43 8.66
N SER A 196 27.87 -0.65 9.89
CA SER A 196 29.29 -0.79 10.22
C SER A 196 29.35 -1.82 11.33
N GLN A 197 30.26 -2.77 11.24
CA GLN A 197 30.35 -3.83 12.25
C GLN A 197 28.98 -4.50 12.21
N GLY A 198 28.38 -4.72 13.36
CA GLY A 198 27.07 -5.34 13.39
C GLY A 198 25.96 -4.32 13.54
N ASP A 199 26.33 -3.07 13.79
CA ASP A 199 25.36 -2.00 13.99
C ASP A 199 24.66 -1.55 12.72
N LYS A 200 23.38 -1.21 12.86
CA LYS A 200 22.58 -0.77 11.75
C LYS A 200 21.76 0.46 12.09
N ALA A 201 21.68 1.38 11.13
CA ALA A 201 20.91 2.60 11.29
C ALA A 201 20.21 2.89 9.98
N VAL A 202 19.08 3.59 10.06
CA VAL A 202 18.34 3.92 8.86
C VAL A 202 17.60 5.23 9.00
N HIS A 203 17.53 5.97 7.90
CA HIS A 203 16.81 7.22 7.86
C HIS A 203 15.82 7.05 6.73
N MSE A 204 14.54 6.96 7.07
CA MSE A 204 13.49 6.77 6.08
C MSE A 204 12.92 8.07 5.51
O MSE A 204 11.84 8.08 4.93
CB MSE A 204 12.40 5.88 6.65
CG MSE A 204 12.81 4.44 6.57
SE MSE A 204 11.68 3.27 7.54
CE MSE A 204 10.11 3.48 6.49
N GLY A 205 13.67 9.16 5.64
CA GLY A 205 13.21 10.44 5.12
C GLY A 205 11.75 10.77 5.45
N ASP A 206 11.05 11.41 4.52
CA ASP A 206 9.68 11.80 4.76
C ASP A 206 8.64 10.69 4.64
N ILE A 207 9.11 9.46 4.67
CA ILE A 207 8.22 8.30 4.61
C ILE A 207 8.06 7.84 6.08
N PHE A 208 8.81 8.47 6.97
CA PHE A 208 8.78 8.24 8.41
C PHE A 208 9.38 9.52 9.00
N PRO A 209 8.69 10.66 8.82
CA PRO A 209 9.08 12.00 9.27
C PRO A 209 9.48 12.12 10.73
N THR A 210 8.57 11.73 11.61
CA THR A 210 8.79 11.81 13.05
C THR A 210 8.35 10.51 13.70
N THR A 211 8.68 10.36 14.97
CA THR A 211 8.32 9.17 15.72
C THR A 211 6.80 8.99 15.78
N ALA A 212 6.06 10.06 15.56
CA ALA A 212 4.61 9.98 15.58
C ALA A 212 4.02 9.35 14.31
N HIS A 213 4.87 9.13 13.30
CA HIS A 213 4.41 8.55 12.05
C HIS A 213 4.76 7.06 11.93
N LYS A 214 5.03 6.41 13.05
CA LYS A 214 5.38 4.99 13.01
C LYS A 214 4.28 4.11 12.44
N ASN A 215 3.02 4.42 12.73
CA ASN A 215 1.92 3.62 12.18
C ASN A 215 1.97 3.79 10.66
N PRO A 216 2.08 2.68 9.92
CA PRO A 216 2.14 2.80 8.47
C PRO A 216 1.00 3.61 7.85
N LEU A 217 -0.17 3.57 8.49
CA LEU A 217 -1.32 4.31 8.00
C LEU A 217 -1.24 5.83 8.23
N TRP A 218 -0.31 6.25 9.08
CA TRP A 218 -0.15 7.66 9.39
C TRP A 218 0.86 8.33 8.45
N VAL A 219 0.43 8.63 7.23
CA VAL A 219 1.30 9.29 6.26
C VAL A 219 0.85 10.74 6.03
N THR A 220 1.78 11.61 5.68
CA THR A 220 1.44 13.01 5.45
C THR A 220 0.57 13.16 4.20
N ALA A 221 -0.16 14.27 4.13
CA ALA A 221 -1.00 14.54 2.97
C ALA A 221 -0.11 15.02 1.82
N TYR A 222 1.14 15.35 2.13
CA TYR A 222 2.11 15.80 1.13
C TYR A 222 2.50 14.66 0.20
N ASP A 223 2.43 13.45 0.73
CA ASP A 223 2.79 12.27 -0.05
C ASP A 223 2.00 12.23 -1.35
N ASP A 224 2.70 12.26 -2.48
CA ASP A 224 2.03 12.24 -3.76
C ASP A 224 1.43 10.86 -4.07
N TYR A 225 2.02 9.82 -3.50
CA TYR A 225 1.52 8.45 -3.70
C TYR A 225 1.42 7.72 -2.36
N PRO A 226 0.48 8.16 -1.51
CA PRO A 226 0.27 7.55 -0.19
C PRO A 226 0.17 6.02 -0.18
N MSE A 227 -0.39 5.42 -1.23
CA MSE A 227 -0.50 3.96 -1.24
C MSE A 227 0.89 3.30 -1.28
O MSE A 227 1.08 2.22 -0.71
CB MSE A 227 -1.33 3.48 -2.43
CG MSE A 227 -2.80 3.89 -2.43
SE MSE A 227 -3.78 3.31 -0.83
CE MSE A 227 -3.73 4.91 0.05
N GLN A 228 1.85 3.95 -1.94
CA GLN A 228 3.20 3.42 -2.03
C GLN A 228 3.94 3.68 -0.70
N SER A 229 3.59 4.78 -0.05
CA SER A 229 4.19 5.12 1.23
C SER A 229 3.82 4.06 2.25
N ILE A 230 2.55 3.73 2.31
CA ILE A 230 2.08 2.71 3.23
C ILE A 230 2.75 1.37 2.90
N ARG A 231 2.79 1.02 1.62
CA ARG A 231 3.42 -0.22 1.21
C ARG A 231 4.83 -0.32 1.76
N GLU A 232 5.63 0.72 1.57
CA GLU A 232 7.01 0.74 2.03
C GLU A 232 7.12 0.67 3.56
N LYS A 233 6.33 1.49 4.24
CA LYS A 233 6.33 1.53 5.70
C LYS A 233 5.89 0.18 6.27
N GLU A 234 4.86 -0.42 5.68
CA GLU A 234 4.34 -1.70 6.16
C GLU A 234 5.42 -2.78 6.18
N ARG A 235 6.33 -2.74 5.21
CA ARG A 235 7.37 -3.75 5.15
C ARG A 235 8.71 -3.38 5.77
N MSE A 236 9.17 -2.15 5.56
CA MSE A 236 10.46 -1.71 6.10
C MSE A 236 10.53 -1.66 7.62
O MSE A 236 11.39 -2.31 8.22
CB MSE A 236 10.82 -0.33 5.55
CG MSE A 236 10.93 -0.29 4.06
SE MSE A 236 11.47 1.49 3.53
CE MSE A 236 12.56 0.91 2.10
N ILE A 237 9.64 -0.90 8.24
CA ILE A 237 9.64 -0.74 9.69
C ILE A 237 9.71 -2.05 10.49
N PRO A 238 8.84 -3.01 10.19
CA PRO A 238 8.91 -4.27 10.96
C PRO A 238 10.27 -4.96 10.78
N TYR A 239 10.80 -4.89 9.56
CA TYR A 239 12.10 -5.51 9.24
C TYR A 239 13.24 -4.81 9.99
N PHE A 240 13.29 -3.49 9.88
CA PHE A 240 14.34 -2.72 10.54
C PHE A 240 14.29 -2.90 12.05
N ILE A 241 13.09 -3.08 12.59
CA ILE A 241 12.94 -3.29 14.03
C ILE A 241 13.44 -4.68 14.38
N GLN A 242 13.04 -5.68 13.60
CA GLN A 242 13.45 -7.05 13.83
C GLN A 242 14.98 -7.14 13.79
N GLN A 243 15.60 -6.31 12.96
CA GLN A 243 17.05 -6.28 12.80
C GLN A 243 17.74 -5.34 13.78
N GLN A 244 16.95 -4.78 14.69
CA GLN A 244 17.47 -3.87 15.71
C GLN A 244 18.16 -2.63 15.15
N TYR A 245 17.52 -2.00 14.18
CA TYR A 245 18.04 -0.80 13.55
C TYR A 245 17.77 0.44 14.39
N TRP A 246 18.62 1.45 14.22
CA TRP A 246 18.44 2.73 14.89
C TRP A 246 17.72 3.55 13.84
N PHE A 247 16.63 4.20 14.22
CA PHE A 247 15.91 5.04 13.27
C PHE A 247 16.36 6.47 13.47
N LEU A 248 16.92 7.06 12.41
CA LEU A 248 17.39 8.43 12.45
C LEU A 248 16.32 9.37 11.88
N PHE A 249 16.19 10.55 12.48
CA PHE A 249 15.20 11.52 12.05
C PHE A 249 15.79 12.85 11.67
N TYR A 250 15.11 13.52 10.74
CA TYR A 250 15.54 14.80 10.22
C TYR A 250 14.58 15.87 10.69
N HIS A 251 13.31 15.49 10.81
CA HIS A 251 12.22 16.40 11.21
C HIS A 251 11.71 16.29 12.65
N ASP A 252 12.06 15.25 13.38
CA ASP A 252 11.52 15.13 14.73
C ASP A 252 12.13 16.14 15.71
N GLU A 253 11.29 16.99 16.29
CA GLU A 253 11.77 18.01 17.22
C GLU A 253 12.33 17.47 18.53
N ASN A 254 11.79 16.37 19.01
CA ASN A 254 12.22 15.80 20.29
C ASN A 254 13.40 14.88 20.16
N TYR A 255 13.29 13.93 19.23
CA TYR A 255 14.31 12.91 19.04
C TYR A 255 15.07 12.96 17.75
N PHE A 256 16.31 12.50 17.82
CA PHE A 256 17.19 12.42 16.67
C PHE A 256 17.21 10.98 16.22
N ALA A 257 17.10 10.06 17.17
CA ALA A 257 17.09 8.64 16.84
C ALA A 257 16.22 7.86 17.80
N VAL A 258 15.94 6.61 17.42
CA VAL A 258 15.14 5.73 18.26
C VAL A 258 15.34 4.28 17.87
N LYS A 259 15.29 3.41 18.86
CA LYS A 259 15.43 1.98 18.65
C LYS A 259 14.30 1.30 19.38
N TYR A 260 13.41 0.65 18.62
CA TYR A 260 12.27 -0.03 19.19
C TYR A 260 12.70 -1.41 19.66
N SER A 261 12.12 -1.90 20.74
CA SER A 261 12.48 -3.22 21.24
C SER A 261 11.83 -4.31 20.40
N ASP A 262 12.59 -5.36 20.13
CA ASP A 262 12.15 -6.53 19.33
C ASP A 262 10.69 -6.90 19.69
N ASP A 263 9.74 -6.08 19.20
CA ASP A 263 8.30 -6.26 19.46
C ASP A 263 7.49 -5.45 18.44
N GLY A 264 7.66 -4.13 18.46
CA GLY A 264 6.95 -3.27 17.54
C GLY A 264 5.88 -2.44 18.25
N GLU A 265 6.12 -2.15 19.52
CA GLU A 265 5.18 -1.36 20.34
C GLU A 265 5.95 -0.37 21.21
N ASN A 266 6.80 -0.91 22.08
CA ASN A 266 7.60 -0.09 22.98
C ASN A 266 8.93 0.33 22.36
N ILE A 267 9.14 1.63 22.32
CA ILE A 267 10.35 2.14 21.79
C ILE A 267 11.17 2.54 23.00
N ASP A 268 11.90 1.59 23.55
CA ASP A 268 12.67 1.91 24.72
C ASP A 268 13.69 3.01 24.48
N ALA A 269 14.63 2.79 23.56
CA ALA A 269 15.69 3.76 23.31
C ALA A 269 15.40 4.99 22.44
N TYR A 270 15.36 6.15 23.08
CA TYR A 270 15.14 7.43 22.40
C TYR A 270 16.35 8.34 22.63
N ILE A 271 17.03 8.73 21.56
CA ILE A 271 18.17 9.64 21.69
C ILE A 271 17.63 11.05 21.49
N LEU A 272 17.67 11.85 22.55
CA LEU A 272 17.15 13.21 22.50
C LEU A 272 17.92 14.14 21.56
N ARG A 273 17.19 15.08 20.98
CA ARG A 273 17.75 16.07 20.07
C ARG A 273 17.98 17.37 20.82
N GLU A 274 19.17 17.48 21.42
CA GLU A 274 19.54 18.66 22.19
C GLU A 274 19.90 19.83 21.26
N THR A 275 18.88 20.56 20.83
CA THR A 275 19.08 21.69 19.94
C THR A 275 19.24 22.97 20.76
N LEU A 276 20.34 23.67 20.52
CA LEU A 276 20.65 24.93 21.21
C LEU A 276 19.67 26.01 20.77
N VAL A 277 19.18 26.77 21.73
CA VAL A 277 18.24 27.85 21.45
C VAL A 277 19.01 29.17 21.27
N MSE B 1 19.41 -35.41 2.52
CA MSE B 1 20.66 -34.95 1.83
C MSE B 1 21.21 -33.68 2.47
O MSE B 1 20.76 -33.26 3.53
CB MSE B 1 20.38 -34.67 0.35
CG MSE B 1 19.25 -33.68 0.09
SE MSE B 1 19.45 -32.58 -1.50
CE MSE B 1 19.62 -30.88 -0.60
N LYS B 2 22.19 -33.09 1.81
CA LYS B 2 22.78 -31.86 2.31
C LYS B 2 23.60 -31.13 1.26
N ILE B 3 23.31 -29.84 1.14
CA ILE B 3 23.99 -28.96 0.20
C ILE B 3 25.11 -28.29 0.96
N GLY B 4 26.34 -28.68 0.67
CA GLY B 4 27.46 -28.10 1.36
C GLY B 4 27.29 -28.40 2.84
N ASP B 5 27.37 -27.36 3.68
CA ASP B 5 27.23 -27.53 5.10
C ASP B 5 25.80 -27.32 5.60
N ILE B 6 24.83 -27.53 4.71
CA ILE B 6 23.41 -27.37 5.06
C ILE B 6 22.67 -28.68 4.83
N SER B 7 21.91 -29.10 5.84
CA SER B 7 21.16 -30.35 5.76
C SER B 7 19.76 -30.07 5.22
N ILE B 8 19.22 -30.98 4.42
CA ILE B 8 17.91 -30.82 3.82
C ILE B 8 17.15 -32.13 3.65
N HIS B 9 15.93 -32.18 4.17
CA HIS B 9 15.06 -33.36 4.05
C HIS B 9 13.66 -32.88 3.69
N TYR B 10 12.71 -33.80 3.69
CA TYR B 10 11.33 -33.46 3.40
C TYR B 10 10.39 -33.98 4.48
N LEU B 11 9.48 -33.12 4.92
CA LEU B 11 8.50 -33.47 5.94
C LEU B 11 7.20 -33.87 5.22
N ASN B 12 6.42 -34.75 5.83
CA ASN B 12 5.16 -35.16 5.22
C ASN B 12 4.00 -34.40 5.84
N GLY B 13 3.65 -33.28 5.22
CA GLY B 13 2.56 -32.46 5.73
C GLY B 13 1.22 -32.81 5.12
N GLY B 14 1.06 -34.08 4.74
CA GLY B 14 -0.19 -34.51 4.15
C GLY B 14 -0.11 -34.62 2.65
N ASN B 15 -1.26 -34.69 2.00
CA ASN B 15 -1.30 -34.79 0.56
C ASN B 15 -2.66 -34.36 0.02
N THR B 16 -2.77 -34.32 -1.29
CA THR B 16 -4.00 -33.95 -1.95
C THR B 16 -4.00 -34.58 -3.33
N LYS B 17 -5.17 -34.61 -3.95
CA LYS B 17 -5.29 -35.13 -5.30
C LYS B 17 -6.10 -34.11 -6.09
N MSE B 18 -5.41 -33.47 -7.03
CA MSE B 18 -6.02 -32.44 -7.86
C MSE B 18 -6.24 -32.96 -9.26
O MSE B 18 -5.55 -33.87 -9.70
CB MSE B 18 -5.09 -31.22 -7.91
CG MSE B 18 -4.70 -30.66 -6.56
SE MSE B 18 -6.19 -29.89 -5.68
CE MSE B 18 -6.33 -31.22 -4.30
N ASP B 19 -7.21 -32.37 -9.95
CA ASP B 19 -7.53 -32.74 -11.32
C ASP B 19 -6.25 -32.64 -12.17
N GLY B 20 -6.12 -33.50 -13.17
CA GLY B 20 -4.96 -33.48 -14.03
C GLY B 20 -5.00 -32.37 -15.06
N GLY B 21 -6.17 -32.17 -15.66
CA GLY B 21 -6.32 -31.13 -16.65
C GLY B 21 -6.01 -29.77 -16.02
N ALA B 22 -6.29 -29.63 -14.73
CA ALA B 22 -6.03 -28.38 -14.06
C ALA B 22 -4.53 -28.24 -13.85
N MSE B 23 -3.87 -29.35 -13.53
CA MSE B 23 -2.43 -29.32 -13.30
C MSE B 23 -1.58 -29.21 -14.56
O MSE B 23 -0.40 -28.92 -14.47
CB MSE B 23 -2.01 -30.54 -12.49
CG MSE B 23 -2.49 -30.59 -11.07
SE MSE B 23 -1.86 -29.08 -9.96
CE MSE B 23 -0.02 -29.68 -9.83
N PHE B 24 -2.17 -29.44 -15.74
CA PHE B 24 -1.41 -29.36 -16.98
C PHE B 24 -1.92 -28.43 -18.06
N GLY B 25 -2.71 -27.44 -17.68
CA GLY B 25 -3.22 -26.48 -18.63
C GLY B 25 -3.57 -26.98 -20.03
N VAL B 26 -2.90 -26.41 -21.03
CA VAL B 26 -3.15 -26.74 -22.42
C VAL B 26 -2.65 -28.11 -22.85
N VAL B 27 -1.89 -28.78 -21.98
CA VAL B 27 -1.39 -30.09 -22.34
C VAL B 27 -2.49 -31.15 -22.36
N PRO B 28 -2.63 -31.85 -23.49
CA PRO B 28 -3.64 -32.91 -23.68
C PRO B 28 -3.40 -34.06 -22.70
N LYS B 29 -4.46 -34.72 -22.28
CA LYS B 29 -4.34 -35.85 -21.35
C LYS B 29 -3.51 -37.01 -21.93
N PRO B 30 -3.76 -37.37 -23.20
CA PRO B 30 -3.04 -38.44 -23.85
C PRO B 30 -1.53 -38.25 -23.76
N LEU B 31 -1.09 -37.11 -23.24
CA LEU B 31 0.33 -36.82 -23.10
C LEU B 31 0.75 -36.69 -21.65
N TRP B 32 -0.04 -36.00 -20.82
CA TRP B 32 0.36 -35.86 -19.42
C TRP B 32 0.07 -37.13 -18.62
N SER B 33 -0.85 -37.97 -19.08
CA SER B 33 -1.15 -39.18 -18.35
C SER B 33 -0.03 -40.22 -18.51
N LYS B 34 0.95 -39.90 -19.35
CA LYS B 34 2.10 -40.78 -19.60
C LYS B 34 3.28 -40.31 -18.75
N GLN B 35 3.09 -39.19 -18.03
CA GLN B 35 4.11 -38.60 -17.17
C GLN B 35 3.67 -38.62 -15.70
N TYR B 36 2.36 -38.71 -15.49
CA TYR B 36 1.78 -38.73 -14.15
C TYR B 36 0.50 -39.56 -14.22
N ASN B 37 0.04 -40.02 -13.07
CA ASN B 37 -1.14 -40.89 -13.00
C ASN B 37 -2.48 -40.22 -12.79
N ALA B 38 -3.48 -40.78 -13.45
CA ALA B 38 -4.81 -40.26 -13.30
C ALA B 38 -5.64 -41.36 -12.76
N ASN B 39 -5.96 -41.22 -11.49
CA ASN B 39 -6.80 -42.18 -10.86
C ASN B 39 -8.03 -42.07 -11.81
N GLU B 40 -9.21 -42.54 -11.48
CA GLU B 40 -10.26 -42.43 -12.49
C GLU B 40 -11.11 -41.19 -12.29
N ARG B 41 -10.70 -40.41 -11.32
CA ARG B 41 -11.43 -39.23 -11.03
C ARG B 41 -10.74 -38.19 -11.86
N ASN B 42 -9.64 -38.62 -12.47
CA ASN B 42 -8.86 -37.74 -13.30
C ASN B 42 -7.95 -36.93 -12.39
N GLN B 43 -7.79 -37.40 -11.15
CA GLN B 43 -6.96 -36.73 -10.17
C GLN B 43 -5.58 -37.33 -10.14
N ILE B 44 -4.57 -36.50 -9.89
CA ILE B 44 -3.21 -37.00 -9.79
C ILE B 44 -2.83 -36.78 -8.34
N ASN B 45 -1.95 -37.63 -7.80
CA ASN B 45 -1.58 -37.49 -6.39
C ASN B 45 -0.47 -36.46 -6.14
N LEU B 46 -0.83 -35.43 -5.37
CA LEU B 46 0.10 -34.36 -5.03
C LEU B 46 0.40 -34.28 -3.55
N PRO B 47 1.58 -34.74 -3.14
CA PRO B 47 1.93 -34.67 -1.72
C PRO B 47 2.12 -33.19 -1.37
N THR B 48 2.13 -32.86 -0.09
CA THR B 48 2.34 -31.49 0.33
C THR B 48 3.41 -31.55 1.40
N HIS B 49 4.60 -32.02 0.99
CA HIS B 49 5.76 -32.22 1.85
C HIS B 49 6.70 -31.02 2.02
N PRO B 50 6.52 -30.25 3.10
CA PRO B 50 7.37 -29.08 3.36
C PRO B 50 8.86 -29.47 3.45
N ILE B 51 9.75 -28.57 3.01
CA ILE B 51 11.18 -28.83 3.05
C ILE B 51 11.86 -28.25 4.28
N LEU B 52 12.63 -29.08 4.99
CA LEU B 52 13.34 -28.68 6.21
C LEU B 52 14.81 -28.35 5.92
N ILE B 53 15.22 -27.14 6.27
CA ILE B 53 16.59 -26.72 6.03
C ILE B 53 17.29 -26.44 7.34
N GLN B 54 18.41 -27.11 7.55
CA GLN B 54 19.18 -26.94 8.78
C GLN B 54 20.59 -26.47 8.51
N THR B 55 20.88 -25.25 8.95
CA THR B 55 22.21 -24.68 8.77
C THR B 55 22.94 -24.85 10.10
N ALA B 56 23.88 -23.97 10.38
CA ALA B 56 24.62 -24.06 11.62
C ALA B 56 23.82 -23.53 12.81
N GLN B 57 23.19 -22.36 12.66
CA GLN B 57 22.44 -21.76 13.76
C GLN B 57 20.92 -21.70 13.58
N TYR B 58 20.42 -22.07 12.41
CA TYR B 58 18.98 -21.96 12.17
C TYR B 58 18.29 -23.15 11.52
N ASN B 59 16.99 -23.24 11.76
CA ASN B 59 16.13 -24.29 11.22
C ASN B 59 15.00 -23.60 10.43
N LEU B 60 14.92 -23.88 9.13
CA LEU B 60 13.90 -23.25 8.30
C LEU B 60 12.94 -24.27 7.69
N ILE B 61 11.74 -23.82 7.32
CA ILE B 61 10.73 -24.69 6.74
C ILE B 61 10.07 -24.02 5.54
N ILE B 62 10.06 -24.67 4.40
CA ILE B 62 9.43 -24.10 3.23
C ILE B 62 7.99 -24.61 3.12
N ASP B 63 7.03 -23.71 3.33
CA ASP B 63 5.60 -24.01 3.29
C ASP B 63 5.24 -24.94 4.46
N ALA B 64 3.96 -25.19 4.69
CA ALA B 64 3.60 -26.01 5.84
C ALA B 64 2.62 -27.17 5.63
N GLY B 65 2.31 -27.51 4.38
CA GLY B 65 1.39 -28.60 4.17
C GLY B 65 -0.04 -28.22 4.50
N ILE B 66 -0.93 -29.22 4.51
CA ILE B 66 -2.35 -28.99 4.79
C ILE B 66 -2.76 -29.03 6.26
N GLY B 67 -1.83 -29.34 7.16
CA GLY B 67 -2.13 -29.35 8.58
C GLY B 67 -2.93 -30.50 9.19
N ASN B 68 -3.57 -30.23 10.33
CA ASN B 68 -4.35 -31.23 11.05
C ASN B 68 -5.70 -30.69 11.50
N GLY B 69 -6.77 -31.18 10.89
CA GLY B 69 -8.10 -30.72 11.24
C GLY B 69 -8.41 -29.33 10.73
N LYS B 70 -7.64 -28.86 9.74
CA LYS B 70 -7.85 -27.55 9.15
C LYS B 70 -8.88 -27.60 8.03
N LEU B 71 -8.82 -28.65 7.22
CA LEU B 71 -9.77 -28.79 6.14
C LEU B 71 -11.03 -29.42 6.69
N SER B 72 -12.17 -28.96 6.22
CA SER B 72 -13.46 -29.47 6.66
C SER B 72 -13.70 -30.86 6.09
N GLU B 73 -14.85 -31.42 6.44
CA GLU B 73 -15.24 -32.73 5.95
C GLU B 73 -15.28 -32.71 4.42
N LYS B 74 -16.00 -31.72 3.89
CA LYS B 74 -16.17 -31.55 2.46
C LYS B 74 -14.86 -31.38 1.70
N GLN B 75 -14.01 -30.48 2.18
CA GLN B 75 -12.72 -30.23 1.53
C GLN B 75 -11.89 -31.50 1.45
N LEU B 76 -11.76 -32.20 2.58
CA LEU B 76 -10.99 -33.43 2.65
C LEU B 76 -11.31 -34.34 1.48
N ARG B 77 -12.58 -34.44 1.15
CA ARG B 77 -13.05 -35.28 0.08
C ARG B 77 -12.75 -34.74 -1.32
N ASN B 78 -13.04 -33.46 -1.56
CA ASN B 78 -12.81 -32.87 -2.88
C ASN B 78 -11.34 -32.67 -3.23
N PHE B 79 -10.50 -32.52 -2.23
CA PHE B 79 -9.08 -32.35 -2.51
C PHE B 79 -8.36 -33.69 -2.38
N GLY B 80 -9.14 -34.77 -2.39
CA GLY B 80 -8.59 -36.10 -2.28
C GLY B 80 -7.52 -36.32 -1.23
N VAL B 81 -7.77 -35.88 -0.01
CA VAL B 81 -6.79 -36.04 1.05
C VAL B 81 -6.80 -37.45 1.64
N ASP B 82 -5.69 -38.15 1.54
CA ASP B 82 -5.58 -39.49 2.07
C ASP B 82 -5.07 -39.46 3.51
N GLU B 83 -4.00 -38.72 3.71
CA GLU B 83 -3.40 -38.60 5.04
C GLU B 83 -3.14 -37.12 5.37
N GLU B 84 -3.56 -36.69 6.55
CA GLU B 84 -3.30 -35.32 6.96
C GLU B 84 -1.85 -35.21 7.44
N SER B 85 -1.41 -33.99 7.70
CA SER B 85 -0.03 -33.76 8.12
C SER B 85 0.51 -34.61 9.26
N HIS B 86 1.80 -34.97 9.15
CA HIS B 86 2.52 -35.75 10.15
C HIS B 86 3.75 -34.91 10.47
N ILE B 87 3.63 -33.62 10.18
CA ILE B 87 4.71 -32.66 10.36
C ILE B 87 5.33 -32.71 11.76
N ILE B 88 4.50 -32.77 12.79
CA ILE B 88 5.01 -32.83 14.15
C ILE B 88 5.89 -34.07 14.33
N ALA B 89 5.35 -35.22 13.94
CA ALA B 89 6.06 -36.48 14.03
C ALA B 89 7.37 -36.43 13.24
N ASP B 90 7.26 -36.18 11.95
CA ASP B 90 8.43 -36.13 11.08
C ASP B 90 9.54 -35.25 11.66
N LEU B 91 9.15 -34.15 12.30
CA LEU B 91 10.14 -33.25 12.90
C LEU B 91 10.83 -33.94 14.07
N ALA B 92 10.04 -34.65 14.85
CA ALA B 92 10.57 -35.37 16.01
C ALA B 92 11.65 -36.34 15.54
N ASN B 93 11.42 -36.99 14.41
CA ASN B 93 12.41 -37.93 13.90
C ASN B 93 13.77 -37.24 13.69
N TYR B 94 13.81 -35.93 13.94
CA TYR B 94 15.03 -35.17 13.82
C TYR B 94 15.33 -34.42 15.12
N ASN B 95 14.83 -34.93 16.23
CA ASN B 95 15.04 -34.30 17.52
C ASN B 95 14.67 -32.82 17.46
N LEU B 96 13.74 -32.49 16.58
CA LEU B 96 13.27 -31.12 16.40
C LEU B 96 11.79 -31.03 16.72
N THR B 97 11.42 -29.99 17.47
CA THR B 97 10.03 -29.76 17.86
C THR B 97 9.54 -28.54 17.11
N PRO B 98 8.22 -28.27 17.15
CA PRO B 98 7.65 -27.11 16.46
C PRO B 98 8.14 -25.76 16.99
N LYS B 99 8.81 -25.76 18.14
CA LYS B 99 9.29 -24.53 18.74
C LYS B 99 10.74 -24.23 18.42
N ASP B 100 11.35 -25.09 17.59
CA ASP B 100 12.74 -24.92 17.22
C ASP B 100 12.87 -24.35 15.82
N ILE B 101 11.75 -24.31 15.10
CA ILE B 101 11.74 -23.77 13.75
C ILE B 101 11.92 -22.27 13.88
N ASP B 102 13.01 -21.75 13.30
CA ASP B 102 13.31 -20.32 13.37
C ASP B 102 12.66 -19.51 12.26
N TYR B 103 12.49 -20.13 11.09
CA TYR B 103 11.91 -19.45 9.95
C TYR B 103 10.96 -20.31 9.14
N VAL B 104 9.84 -19.72 8.73
CA VAL B 104 8.90 -20.41 7.85
C VAL B 104 8.85 -19.53 6.61
N LEU B 105 9.37 -20.06 5.51
CA LEU B 105 9.43 -19.35 4.24
C LEU B 105 8.35 -19.83 3.29
N MSE B 106 7.52 -18.91 2.82
CA MSE B 106 6.42 -19.29 1.93
C MSE B 106 6.63 -18.94 0.45
O MSE B 106 7.09 -17.86 0.10
CB MSE B 106 5.12 -18.62 2.42
CG MSE B 106 4.81 -18.79 3.89
SE MSE B 106 4.53 -20.60 4.43
CE MSE B 106 3.04 -20.95 3.34
N THR B 107 6.31 -19.91 -0.42
CA THR B 107 6.42 -19.74 -1.86
C THR B 107 5.19 -18.95 -2.33
N HIS B 108 4.05 -19.25 -1.72
CA HIS B 108 2.78 -18.57 -2.00
C HIS B 108 1.79 -19.04 -0.92
N MSE B 109 0.73 -18.28 -0.69
CA MSE B 109 -0.20 -18.64 0.37
C MSE B 109 -1.42 -19.51 0.03
O MSE B 109 -2.43 -19.47 0.72
CB MSE B 109 -0.68 -17.37 1.08
CG MSE B 109 0.37 -16.61 1.82
SE MSE B 109 1.06 -17.57 3.33
CE MSE B 109 -0.16 -16.93 4.64
N HIS B 110 -1.33 -20.32 -1.03
CA HIS B 110 -2.45 -21.19 -1.36
C HIS B 110 -2.63 -22.19 -0.20
N PHE B 111 -3.86 -22.70 -0.03
CA PHE B 111 -4.15 -23.62 1.08
C PHE B 111 -3.28 -24.86 1.21
N ASP B 112 -2.96 -25.51 0.09
CA ASP B 112 -2.13 -26.71 0.14
C ASP B 112 -0.72 -26.40 0.63
N HIS B 113 -0.45 -25.12 0.83
CA HIS B 113 0.86 -24.68 1.29
C HIS B 113 0.83 -23.93 2.63
N ALA B 114 -0.32 -23.39 3.00
CA ALA B 114 -0.41 -22.61 4.24
C ALA B 114 -1.40 -23.10 5.30
N ALA B 115 -2.31 -23.98 4.91
CA ALA B 115 -3.28 -24.51 5.86
C ALA B 115 -2.57 -24.99 7.13
N GLY B 116 -1.40 -25.59 6.97
CA GLY B 116 -0.66 -26.09 8.11
C GLY B 116 0.02 -25.09 9.02
N LEU B 117 -0.13 -23.78 8.77
CA LEU B 117 0.54 -22.76 9.59
C LEU B 117 -0.07 -22.55 10.98
N THR B 118 -1.36 -22.88 11.12
CA THR B 118 -2.05 -22.72 12.39
C THR B 118 -2.94 -23.92 12.65
N ASP B 119 -3.29 -24.11 13.92
CA ASP B 119 -4.19 -25.18 14.31
C ASP B 119 -5.54 -24.50 14.29
N GLN B 120 -6.58 -25.19 14.74
CA GLN B 120 -7.88 -24.53 14.67
C GLN B 120 -7.82 -23.45 15.72
N ALA B 121 -8.78 -22.54 15.73
CA ALA B 121 -8.72 -21.43 16.70
C ALA B 121 -7.55 -20.54 16.21
N GLY B 122 -7.14 -20.76 14.96
CA GLY B 122 -6.06 -19.99 14.35
C GLY B 122 -4.89 -19.60 15.23
N HIS B 123 -4.53 -20.43 16.19
CA HIS B 123 -3.40 -20.09 17.04
C HIS B 123 -2.20 -19.92 16.13
N ALA B 124 -1.44 -21.01 15.97
CA ALA B 124 -0.25 -20.97 15.13
C ALA B 124 0.75 -22.06 15.45
N ILE B 125 0.86 -23.02 14.56
CA ILE B 125 1.85 -24.06 14.73
C ILE B 125 3.08 -23.22 14.47
N PHE B 126 4.23 -23.62 14.98
CA PHE B 126 5.45 -22.85 14.75
C PHE B 126 5.51 -21.46 15.39
N GLU B 127 5.31 -21.39 16.69
CA GLU B 127 5.44 -20.11 17.36
C GLU B 127 6.97 -19.96 17.43
N ASN B 128 7.47 -18.74 17.58
CA ASN B 128 8.91 -18.50 17.63
C ASN B 128 9.53 -18.43 16.23
N ALA B 129 8.76 -18.71 15.20
CA ALA B 129 9.32 -18.65 13.85
C ALA B 129 8.91 -17.39 13.12
N ILE B 130 9.89 -16.75 12.49
CA ILE B 130 9.62 -15.56 11.70
C ILE B 130 9.00 -16.09 10.43
N HIS B 131 7.89 -15.50 10.01
CA HIS B 131 7.23 -15.94 8.80
C HIS B 131 7.49 -14.96 7.67
N VAL B 132 8.16 -15.46 6.63
CA VAL B 132 8.50 -14.65 5.48
C VAL B 132 7.57 -14.88 4.30
N VAL B 133 6.89 -13.83 3.87
CA VAL B 133 5.98 -13.90 2.73
C VAL B 133 6.31 -12.71 1.86
N GLN B 134 6.11 -12.83 0.56
CA GLN B 134 6.40 -11.69 -0.29
C GLN B 134 5.17 -10.78 -0.16
N GLN B 135 5.40 -9.48 -0.14
CA GLN B 135 4.33 -8.50 0.05
C GLN B 135 3.00 -8.64 -0.71
N ASP B 136 3.04 -8.60 -2.04
CA ASP B 136 1.83 -8.73 -2.82
C ASP B 136 1.09 -10.05 -2.58
N GLU B 137 1.83 -11.13 -2.34
CA GLU B 137 1.26 -12.45 -2.08
C GLU B 137 0.48 -12.43 -0.77
N TRP B 138 0.95 -11.61 0.17
CA TRP B 138 0.28 -11.48 1.46
C TRP B 138 -0.93 -10.56 1.31
N HIS B 139 -0.79 -9.51 0.50
CA HIS B 139 -1.88 -8.57 0.28
C HIS B 139 -3.10 -9.29 -0.33
N GLU B 140 -2.84 -10.18 -1.28
CA GLU B 140 -3.91 -10.89 -1.94
C GLU B 140 -4.51 -11.97 -1.03
N PHE B 141 -3.66 -12.60 -0.22
CA PHE B 141 -4.12 -13.62 0.72
C PHE B 141 -5.20 -13.07 1.64
N ILE B 142 -4.94 -11.89 2.23
CA ILE B 142 -5.90 -11.27 3.13
C ILE B 142 -7.01 -10.51 2.41
N ALA B 143 -6.93 -10.44 1.08
CA ALA B 143 -7.93 -9.75 0.27
C ALA B 143 -8.14 -10.46 -1.06
N PRO B 144 -8.53 -11.74 -1.02
CA PRO B 144 -8.75 -12.53 -2.23
C PRO B 144 -9.85 -12.00 -3.14
N ASN B 145 -9.74 -12.31 -4.44
CA ASN B 145 -10.76 -11.91 -5.40
C ASN B 145 -11.66 -13.12 -5.67
N ILE B 146 -12.61 -13.00 -6.59
CA ILE B 146 -13.53 -14.10 -6.87
C ILE B 146 -12.89 -15.40 -7.35
N ARG B 147 -11.63 -15.35 -7.76
CA ARG B 147 -10.95 -16.55 -8.22
C ARG B 147 -9.95 -17.10 -7.21
N SER B 148 -9.34 -16.19 -6.46
CA SER B 148 -8.36 -16.55 -5.43
C SER B 148 -9.06 -17.02 -4.18
N LYS B 149 -10.30 -16.58 -4.00
CA LYS B 149 -11.08 -16.93 -2.83
C LYS B 149 -11.07 -18.45 -2.60
N SER B 150 -10.96 -19.22 -3.68
CA SER B 150 -10.95 -20.68 -3.60
C SER B 150 -9.73 -21.28 -2.88
N THR B 151 -8.57 -20.63 -2.97
CA THR B 151 -7.35 -21.12 -2.31
C THR B 151 -6.82 -20.26 -1.17
N TYR B 152 -7.27 -19.02 -1.07
CA TYR B 152 -6.84 -18.16 0.04
C TYR B 152 -7.95 -18.18 1.08
N TRP B 153 -7.78 -18.99 2.12
CA TRP B 153 -8.81 -19.13 3.14
C TRP B 153 -8.60 -18.28 4.38
N ASP B 154 -9.70 -17.69 4.85
CA ASP B 154 -9.67 -16.86 6.04
C ASP B 154 -9.29 -17.66 7.29
N LYS B 155 -9.65 -18.94 7.32
CA LYS B 155 -9.34 -19.76 8.49
C LYS B 155 -7.86 -20.12 8.51
N ASN B 156 -7.11 -19.58 7.55
CA ASN B 156 -5.67 -19.84 7.49
C ASN B 156 -4.88 -18.62 7.97
N LYS B 157 -5.57 -17.65 8.55
CA LYS B 157 -4.92 -16.47 9.09
C LYS B 157 -4.52 -16.87 10.51
N GLY B 158 -3.53 -16.20 11.10
CA GLY B 158 -3.16 -16.58 12.45
C GLY B 158 -2.09 -15.81 13.18
N ASP B 159 -1.86 -16.23 14.42
CA ASP B 159 -0.86 -15.66 15.32
C ASP B 159 0.47 -15.43 14.62
N TYR B 160 0.78 -16.32 13.69
CA TYR B 160 2.04 -16.22 12.98
C TYR B 160 2.26 -14.84 12.38
N SER B 161 1.17 -14.12 12.14
CA SER B 161 1.29 -12.79 11.56
C SER B 161 1.94 -11.78 12.52
N ASN B 162 2.13 -12.16 13.78
CA ASN B 162 2.78 -11.26 14.75
C ASN B 162 4.29 -11.25 14.55
N LYS B 163 4.78 -12.25 13.82
CA LYS B 163 6.20 -12.36 13.54
C LYS B 163 6.40 -12.39 12.04
N LEU B 164 5.49 -11.73 11.33
CA LEU B 164 5.55 -11.67 9.87
C LEU B 164 6.54 -10.62 9.35
N ILE B 165 7.18 -10.94 8.24
CA ILE B 165 8.13 -10.05 7.59
C ILE B 165 7.79 -10.15 6.11
N LEU B 166 7.81 -9.04 5.41
CA LEU B 166 7.52 -9.05 3.99
C LEU B 166 8.71 -8.60 3.15
N PHE B 167 8.78 -9.06 1.91
CA PHE B 167 9.85 -8.65 1.01
C PHE B 167 9.18 -8.46 -0.34
N GLU B 168 9.81 -7.68 -1.21
CA GLU B 168 9.22 -7.41 -2.52
C GLU B 168 9.84 -8.24 -3.64
N LYS B 169 11.13 -8.07 -3.90
CA LYS B 169 11.75 -8.80 -5.00
C LYS B 169 12.75 -9.88 -4.61
N HIS B 170 13.52 -9.65 -3.55
CA HIS B 170 14.52 -10.63 -3.13
C HIS B 170 14.84 -10.44 -1.67
N PHE B 171 15.16 -11.53 -0.99
CA PHE B 171 15.46 -11.47 0.43
C PHE B 171 16.29 -12.68 0.92
N GLU B 172 17.32 -12.39 1.71
CA GLU B 172 18.18 -13.45 2.24
C GLU B 172 18.00 -13.54 3.76
N PRO B 173 17.07 -14.40 4.22
CA PRO B 173 16.76 -14.62 5.63
C PRO B 173 18.01 -14.97 6.42
N VAL B 174 18.76 -15.91 5.88
CA VAL B 174 20.01 -16.37 6.49
C VAL B 174 20.98 -16.63 5.34
N PRO B 175 22.29 -16.51 5.59
CA PRO B 175 23.30 -16.73 4.55
C PRO B 175 23.06 -17.98 3.73
N GLY B 176 23.16 -17.84 2.42
CA GLY B 176 22.95 -18.98 1.54
C GLY B 176 21.54 -19.22 1.06
N ILE B 177 20.55 -18.80 1.85
CA ILE B 177 19.14 -18.99 1.47
C ILE B 177 18.59 -17.70 0.88
N LYS B 178 18.21 -17.74 -0.40
CA LYS B 178 17.70 -16.57 -1.07
C LYS B 178 16.28 -16.75 -1.61
N MSE B 179 15.43 -15.76 -1.33
CA MSE B 179 14.06 -15.77 -1.80
C MSE B 179 13.96 -14.75 -2.93
O MSE B 179 14.50 -13.64 -2.84
CB MSE B 179 13.11 -15.41 -0.65
CG MSE B 179 13.11 -16.46 0.42
SE MSE B 179 12.22 -15.86 2.01
CE MSE B 179 10.47 -16.09 1.39
N GLN B 180 13.30 -15.13 -4.03
CA GLN B 180 13.14 -14.24 -5.18
C GLN B 180 11.70 -14.30 -5.71
N HIS B 181 11.08 -13.14 -5.88
CA HIS B 181 9.71 -13.07 -6.38
C HIS B 181 9.69 -13.47 -7.85
N SER B 182 8.92 -14.50 -8.20
CA SER B 182 8.85 -14.94 -9.59
C SER B 182 7.50 -14.63 -10.26
N GLY B 183 6.43 -14.64 -9.50
CA GLY B 183 5.12 -14.42 -10.06
C GLY B 183 4.72 -15.65 -10.88
N GLY B 184 3.84 -15.47 -11.84
CA GLY B 184 3.41 -16.58 -12.67
C GLY B 184 2.23 -17.34 -12.10
N HIS B 185 2.53 -18.31 -11.22
CA HIS B 185 1.53 -19.14 -10.58
C HIS B 185 0.58 -18.27 -9.79
N SER B 186 1.15 -17.33 -9.05
CA SER B 186 0.36 -16.36 -8.27
C SER B 186 1.17 -15.07 -8.36
N PHE B 187 0.49 -13.92 -8.39
CA PHE B 187 1.17 -12.66 -8.50
C PHE B 187 2.40 -12.57 -7.61
N GLY B 188 2.28 -13.01 -6.36
CA GLY B 188 3.40 -12.92 -5.46
C GLY B 188 4.16 -14.23 -5.24
N HIS B 189 4.13 -15.11 -6.24
CA HIS B 189 4.81 -16.40 -6.09
C HIS B 189 6.32 -16.18 -5.91
N THR B 190 6.92 -17.01 -5.07
CA THR B 190 8.34 -16.89 -4.77
C THR B 190 9.09 -18.21 -4.79
N ILE B 191 10.25 -18.21 -5.45
CA ILE B 191 11.07 -19.42 -5.51
C ILE B 191 12.21 -19.22 -4.52
N ILE B 192 12.89 -20.30 -4.15
CA ILE B 192 13.98 -20.23 -3.16
C ILE B 192 15.23 -21.02 -3.55
N THR B 193 16.40 -20.50 -3.19
CA THR B 193 17.67 -21.16 -3.49
C THR B 193 18.52 -21.36 -2.24
N ILE B 194 19.30 -22.44 -2.22
CA ILE B 194 20.18 -22.73 -1.08
C ILE B 194 21.59 -22.96 -1.62
N GLU B 195 22.56 -22.22 -1.08
CA GLU B 195 23.94 -22.35 -1.52
C GLU B 195 24.94 -22.48 -0.37
N SER B 196 25.83 -23.46 -0.48
CA SER B 196 26.86 -23.71 0.53
C SER B 196 27.99 -24.37 -0.25
N GLN B 197 29.22 -23.90 -0.07
CA GLN B 197 30.33 -24.42 -0.84
C GLN B 197 29.89 -24.26 -2.30
N GLY B 198 30.26 -25.20 -3.16
CA GLY B 198 29.85 -25.09 -4.54
C GLY B 198 28.52 -25.78 -4.80
N ASP B 199 27.86 -26.17 -3.72
CA ASP B 199 26.58 -26.87 -3.84
C ASP B 199 25.40 -25.92 -3.96
N LYS B 200 24.55 -26.21 -4.94
CA LYS B 200 23.38 -25.38 -5.19
C LYS B 200 22.09 -26.18 -5.32
N ALA B 201 21.04 -25.67 -4.70
CA ALA B 201 19.74 -26.32 -4.76
C ALA B 201 18.68 -25.23 -4.95
N VAL B 202 17.56 -25.59 -5.56
CA VAL B 202 16.48 -24.64 -5.77
C VAL B 202 15.13 -25.29 -5.75
N HIS B 203 14.15 -24.57 -5.21
CA HIS B 203 12.79 -25.04 -5.16
C HIS B 203 12.00 -23.97 -5.88
N MSE B 204 11.48 -24.29 -7.05
CA MSE B 204 10.72 -23.32 -7.83
C MSE B 204 9.22 -23.30 -7.56
O MSE B 204 8.44 -22.82 -8.37
CB MSE B 204 11.02 -23.53 -9.31
CG MSE B 204 12.33 -22.87 -9.69
SE MSE B 204 12.85 -23.46 -11.40
CE MSE B 204 11.53 -22.49 -12.40
N GLY B 205 8.83 -23.81 -6.39
CA GLY B 205 7.42 -23.83 -6.02
C GLY B 205 6.49 -24.31 -7.11
N ASP B 206 5.30 -23.72 -7.18
CA ASP B 206 4.32 -24.13 -8.18
C ASP B 206 4.57 -23.62 -9.58
N ILE B 207 5.79 -23.16 -9.83
CA ILE B 207 6.16 -22.69 -11.16
C ILE B 207 6.91 -23.86 -11.83
N PHE B 208 7.14 -24.91 -11.04
CA PHE B 208 7.80 -26.15 -11.46
C PHE B 208 7.35 -27.17 -10.40
N PRO B 209 6.03 -27.45 -10.35
CA PRO B 209 5.37 -28.37 -9.42
C PRO B 209 5.98 -29.77 -9.31
N THR B 210 6.07 -30.45 -10.45
CA THR B 210 6.62 -31.79 -10.51
C THR B 210 7.59 -31.91 -11.67
N THR B 211 8.35 -32.99 -11.71
CA THR B 211 9.30 -33.23 -12.77
C THR B 211 8.62 -33.26 -14.13
N ALA B 212 7.31 -33.48 -14.15
CA ALA B 212 6.59 -33.53 -15.42
C ALA B 212 6.31 -32.15 -15.98
N HIS B 213 6.61 -31.10 -15.22
CA HIS B 213 6.38 -29.74 -15.67
C HIS B 213 7.67 -29.04 -16.12
N LYS B 214 8.70 -29.82 -16.43
CA LYS B 214 9.96 -29.23 -16.85
C LYS B 214 9.84 -28.38 -18.12
N ASN B 215 9.02 -28.80 -19.07
CA ASN B 215 8.85 -28.03 -20.29
C ASN B 215 8.24 -26.69 -19.87
N PRO B 216 8.90 -25.56 -20.21
CA PRO B 216 8.34 -24.27 -19.81
C PRO B 216 6.89 -24.03 -20.25
N LEU B 217 6.48 -24.65 -21.35
CA LEU B 217 5.12 -24.52 -21.84
C LEU B 217 4.08 -25.32 -21.05
N TRP B 218 4.55 -26.23 -20.22
CA TRP B 218 3.66 -27.06 -19.42
C TRP B 218 3.38 -26.43 -18.05
N VAL B 219 2.51 -25.44 -18.01
CA VAL B 219 2.17 -24.78 -16.76
C VAL B 219 0.76 -25.14 -16.34
N THR B 220 0.49 -25.11 -15.05
CA THR B 220 -0.86 -25.44 -14.58
C THR B 220 -1.88 -24.37 -14.99
N ALA B 221 -3.16 -24.75 -15.01
CA ALA B 221 -4.22 -23.83 -15.36
C ALA B 221 -4.49 -22.92 -14.16
N TYR B 222 -3.94 -23.30 -12.99
CA TYR B 222 -4.10 -22.54 -11.76
C TYR B 222 -3.32 -21.22 -11.83
N ASP B 223 -2.25 -21.23 -12.62
CA ASP B 223 -1.41 -20.06 -12.78
C ASP B 223 -2.25 -18.88 -13.22
N ASP B 224 -2.27 -17.82 -12.40
CA ASP B 224 -3.05 -16.64 -12.73
C ASP B 224 -2.44 -15.84 -13.87
N TYR B 225 -1.13 -15.96 -14.04
CA TYR B 225 -0.42 -15.25 -15.11
C TYR B 225 0.53 -16.21 -15.83
N PRO B 226 -0.04 -17.17 -16.56
CA PRO B 226 0.75 -18.16 -17.30
C PRO B 226 1.88 -17.60 -18.17
N MSE B 227 1.68 -16.41 -18.74
CA MSE B 227 2.74 -15.84 -19.58
C MSE B 227 4.00 -15.54 -18.75
O MSE B 227 5.13 -15.69 -19.23
CB MSE B 227 2.26 -14.57 -20.28
CG MSE B 227 1.16 -14.77 -21.29
SE MSE B 227 1.66 -16.04 -22.68
CE MSE B 227 0.66 -17.45 -22.05
N GLN B 228 3.82 -15.14 -17.49
CA GLN B 228 4.94 -14.83 -16.61
C GLN B 228 5.58 -16.13 -16.13
N SER B 229 4.76 -17.17 -16.01
CA SER B 229 5.25 -18.46 -15.56
C SER B 229 6.21 -19.01 -16.58
N ILE B 230 5.78 -18.96 -17.83
CA ILE B 230 6.61 -19.43 -18.92
C ILE B 230 7.90 -18.59 -18.97
N ARG B 231 7.76 -17.26 -18.89
CA ARG B 231 8.91 -16.39 -18.93
C ARG B 231 9.96 -16.84 -17.89
N GLU B 232 9.53 -17.02 -16.65
CA GLU B 232 10.44 -17.41 -15.58
C GLU B 232 11.05 -18.79 -15.81
N LYS B 233 10.22 -19.76 -16.21
CA LYS B 233 10.69 -21.12 -16.46
C LYS B 233 11.67 -21.14 -17.63
N GLU B 234 11.36 -20.40 -18.68
CA GLU B 234 12.22 -20.35 -19.86
C GLU B 234 13.64 -19.91 -19.52
N ARG B 235 13.79 -19.02 -18.54
CA ARG B 235 15.11 -18.55 -18.19
C ARG B 235 15.77 -19.23 -16.98
N MSE B 236 15.00 -19.51 -15.94
CA MSE B 236 15.55 -20.15 -14.74
C MSE B 236 16.06 -21.55 -14.94
O MSE B 236 17.23 -21.84 -14.65
CB MSE B 236 14.51 -20.15 -13.61
CG MSE B 236 14.03 -18.79 -13.22
SE MSE B 236 12.77 -18.96 -11.78
CE MSE B 236 13.34 -17.41 -10.84
N ILE B 237 15.20 -22.44 -15.42
CA ILE B 237 15.58 -23.84 -15.60
C ILE B 237 16.89 -24.06 -16.37
N PRO B 238 17.06 -23.46 -17.56
CA PRO B 238 18.31 -23.68 -18.28
C PRO B 238 19.52 -23.19 -17.46
N TYR B 239 19.35 -22.08 -16.75
CA TYR B 239 20.41 -21.53 -15.92
C TYR B 239 20.75 -22.44 -14.75
N PHE B 240 19.73 -22.85 -14.01
CA PHE B 240 19.94 -23.73 -12.87
C PHE B 240 20.58 -25.06 -13.28
N ILE B 241 20.23 -25.54 -14.47
CA ILE B 241 20.79 -26.78 -14.97
C ILE B 241 22.25 -26.55 -15.34
N GLN B 242 22.53 -25.46 -16.06
CA GLN B 242 23.88 -25.13 -16.46
C GLN B 242 24.78 -25.01 -15.22
N GLN B 243 24.21 -24.54 -14.12
CA GLN B 243 24.94 -24.37 -12.87
C GLN B 243 24.93 -25.64 -12.00
N GLN B 244 24.36 -26.71 -12.54
CA GLN B 244 24.28 -27.98 -11.83
C GLN B 244 23.53 -27.92 -10.50
N TYR B 245 22.36 -27.30 -10.53
CA TYR B 245 21.53 -27.16 -9.35
C TYR B 245 20.72 -28.42 -9.10
N TRP B 246 20.36 -28.63 -7.83
CA TRP B 246 19.50 -29.73 -7.45
C TRP B 246 18.11 -29.11 -7.42
N PHE B 247 17.15 -29.72 -8.08
CA PHE B 247 15.80 -29.20 -8.08
C PHE B 247 15.00 -29.92 -7.00
N LEU B 248 14.52 -29.17 -6.02
CA LEU B 248 13.73 -29.73 -4.93
C LEU B 248 12.24 -29.60 -5.23
N PHE B 249 11.47 -30.61 -4.85
CA PHE B 249 10.04 -30.60 -5.11
C PHE B 249 9.21 -30.72 -3.85
N TYR B 250 8.01 -30.16 -3.90
CA TYR B 250 7.08 -30.17 -2.78
C TYR B 250 5.90 -31.06 -3.13
N HIS B 251 5.55 -31.12 -4.42
CA HIS B 251 4.42 -31.89 -4.93
C HIS B 251 4.71 -33.20 -5.70
N ASP B 252 5.97 -33.44 -6.07
CA ASP B 252 6.29 -34.67 -6.81
C ASP B 252 6.22 -35.87 -5.84
N GLU B 253 5.29 -36.77 -6.11
CA GLU B 253 5.11 -37.95 -5.25
C GLU B 253 6.28 -38.92 -5.32
N ASN B 254 6.99 -38.91 -6.45
CA ASN B 254 8.13 -39.79 -6.63
C ASN B 254 9.42 -39.14 -6.16
N TYR B 255 9.86 -38.15 -6.92
CA TYR B 255 11.11 -37.45 -6.63
C TYR B 255 11.01 -36.35 -5.58
N PHE B 256 12.10 -36.16 -4.86
CA PHE B 256 12.20 -35.11 -3.84
C PHE B 256 13.27 -34.14 -4.33
N ALA B 257 14.38 -34.70 -4.80
CA ALA B 257 15.51 -33.93 -5.32
C ALA B 257 15.86 -34.52 -6.66
N VAL B 258 16.34 -33.67 -7.57
CA VAL B 258 16.70 -34.11 -8.92
C VAL B 258 17.77 -33.19 -9.47
N LYS B 259 18.58 -33.71 -10.40
CA LYS B 259 19.63 -32.93 -11.04
C LYS B 259 19.71 -33.43 -12.46
N TYR B 260 19.61 -32.52 -13.41
CA TYR B 260 19.65 -32.87 -14.82
C TYR B 260 21.06 -32.90 -15.37
N SER B 261 21.23 -33.58 -16.51
CA SER B 261 22.53 -33.64 -17.15
C SER B 261 22.82 -32.23 -17.62
N ASP B 262 24.05 -31.97 -18.05
CA ASP B 262 24.40 -30.62 -18.51
C ASP B 262 23.54 -30.31 -19.73
N ASP B 263 23.29 -31.33 -20.53
CA ASP B 263 22.48 -31.18 -21.72
C ASP B 263 21.01 -31.09 -21.32
N GLY B 264 20.76 -31.36 -20.05
CA GLY B 264 19.41 -31.29 -19.52
C GLY B 264 18.35 -32.11 -20.22
N GLU B 265 18.72 -33.17 -20.92
CA GLU B 265 17.71 -33.99 -21.57
C GLU B 265 17.44 -35.25 -20.77
N ASN B 266 18.18 -35.42 -19.68
CA ASN B 266 18.03 -36.57 -18.80
C ASN B 266 18.26 -36.20 -17.35
N ILE B 267 17.75 -37.02 -16.45
CA ILE B 267 17.92 -36.81 -15.01
C ILE B 267 19.05 -37.74 -14.60
N ASP B 268 20.23 -37.20 -14.34
CA ASP B 268 21.37 -38.02 -13.95
C ASP B 268 21.25 -38.52 -12.53
N ALA B 269 21.18 -37.61 -11.57
CA ALA B 269 21.06 -38.00 -10.17
C ALA B 269 19.68 -37.66 -9.63
N TYR B 270 19.18 -38.48 -8.72
CA TYR B 270 17.88 -38.22 -8.17
C TYR B 270 17.72 -38.85 -6.80
N ILE B 271 16.72 -38.36 -6.07
CA ILE B 271 16.40 -38.86 -4.76
C ILE B 271 14.91 -39.14 -4.82
N LEU B 272 14.52 -40.39 -4.61
CA LEU B 272 13.11 -40.73 -4.61
C LEU B 272 12.50 -40.40 -3.25
N ARG B 273 11.19 -40.20 -3.25
CA ARG B 273 10.47 -39.90 -2.03
C ARG B 273 9.83 -41.19 -1.54
N GLU B 274 10.20 -41.61 -0.33
CA GLU B 274 9.65 -42.84 0.27
C GLU B 274 8.21 -42.61 0.72
N THR B 275 7.31 -42.48 -0.26
CA THR B 275 5.88 -42.25 -0.03
C THR B 275 5.38 -42.63 1.36
N MSE C 1 -34.92 20.15 -9.23
CA MSE C 1 -34.60 21.20 -10.23
C MSE C 1 -34.78 20.70 -11.66
O MSE C 1 -35.00 19.52 -11.93
CB MSE C 1 -33.16 21.69 -10.05
CG MSE C 1 -32.10 20.68 -10.43
SE MSE C 1 -30.36 21.49 -10.46
CE MSE C 1 -30.54 22.53 -12.08
N LYS C 2 -34.67 21.65 -12.59
CA LYS C 2 -34.89 21.39 -14.01
C LYS C 2 -33.65 21.18 -14.90
N ILE C 3 -33.56 20.02 -15.53
CA ILE C 3 -32.46 19.71 -16.46
C ILE C 3 -33.14 19.12 -17.67
N GLY C 4 -33.63 19.99 -18.54
CA GLY C 4 -34.34 19.52 -19.71
C GLY C 4 -35.53 18.72 -19.23
N ASP C 5 -35.82 17.62 -19.91
CA ASP C 5 -36.93 16.77 -19.55
C ASP C 5 -36.66 15.97 -18.26
N ILE C 6 -35.47 16.14 -17.69
CA ILE C 6 -35.09 15.42 -16.47
C ILE C 6 -35.26 16.25 -15.20
N SER C 7 -35.83 15.62 -14.18
CA SER C 7 -36.07 16.27 -12.88
C SER C 7 -35.06 15.74 -11.87
N ILE C 8 -34.52 16.63 -11.05
CA ILE C 8 -33.53 16.22 -10.05
C ILE C 8 -33.82 16.80 -8.68
N HIS C 9 -33.60 16.00 -7.65
CA HIS C 9 -33.80 16.42 -6.27
C HIS C 9 -32.81 15.67 -5.40
N TYR C 10 -32.75 16.02 -4.13
CA TYR C 10 -31.84 15.33 -3.22
C TYR C 10 -32.59 14.80 -2.01
N LEU C 11 -31.99 13.84 -1.30
CA LEU C 11 -32.61 13.21 -0.14
C LEU C 11 -31.70 13.24 1.08
N ASN C 12 -32.31 13.36 2.25
CA ASN C 12 -31.56 13.40 3.50
C ASN C 12 -31.17 11.98 3.91
N GLY C 13 -29.96 11.57 3.53
CA GLY C 13 -29.52 10.23 3.86
C GLY C 13 -28.73 10.20 5.15
N GLY C 14 -28.80 11.30 5.90
CA GLY C 14 -28.07 11.40 7.14
C GLY C 14 -26.88 12.34 7.00
N ASN C 15 -25.97 12.31 7.97
CA ASN C 15 -24.81 13.19 7.91
C ASN C 15 -23.64 12.65 8.71
N THR C 16 -22.48 13.27 8.56
CA THR C 16 -21.27 12.87 9.27
C THR C 16 -20.38 14.08 9.54
N LYS C 17 -19.35 13.85 10.36
CA LYS C 17 -18.40 14.88 10.70
C LYS C 17 -16.99 14.30 10.59
N MSE C 18 -16.25 14.75 9.58
CA MSE C 18 -14.90 14.26 9.38
C MSE C 18 -13.90 15.34 9.78
O MSE C 18 -14.19 16.53 9.71
CB MSE C 18 -14.67 13.91 7.90
CG MSE C 18 -15.58 12.85 7.35
SE MSE C 18 -15.47 11.24 8.39
CE MSE C 18 -17.21 11.46 9.14
N ASP C 19 -12.72 14.91 10.22
CA ASP C 19 -11.68 15.83 10.62
C ASP C 19 -11.34 16.79 9.46
N GLY C 20 -11.34 18.09 9.76
CA GLY C 20 -11.06 19.10 8.76
C GLY C 20 -9.78 18.88 7.98
N GLY C 21 -8.68 18.57 8.67
CA GLY C 21 -7.42 18.34 7.98
C GLY C 21 -7.47 17.15 7.03
N ALA C 22 -8.15 16.09 7.44
CA ALA C 22 -8.28 14.92 6.60
C ALA C 22 -8.97 15.34 5.32
N MSE C 23 -9.96 16.22 5.46
CA MSE C 23 -10.74 16.69 4.31
C MSE C 23 -10.09 17.71 3.36
O MSE C 23 -10.51 17.80 2.20
CB MSE C 23 -12.08 17.25 4.82
CG MSE C 23 -13.01 16.24 5.38
SE MSE C 23 -13.59 14.92 4.05
CE MSE C 23 -14.57 16.17 2.99
N PHE C 24 -9.09 18.46 3.83
CA PHE C 24 -8.43 19.43 2.96
C PHE C 24 -6.95 19.13 2.67
N GLY C 25 -6.42 18.07 3.27
CA GLY C 25 -5.06 17.69 3.03
C GLY C 25 -3.93 18.67 3.33
N VAL C 26 -3.23 19.07 2.29
CA VAL C 26 -2.11 19.97 2.42
C VAL C 26 -2.48 21.42 2.69
N VAL C 27 -3.76 21.75 2.50
CA VAL C 27 -4.23 23.11 2.73
C VAL C 27 -4.26 23.49 4.22
N PRO C 28 -3.43 24.44 4.63
CA PRO C 28 -3.36 24.89 6.02
C PRO C 28 -4.73 25.22 6.63
N LYS C 29 -4.92 24.89 7.90
CA LYS C 29 -6.18 25.17 8.56
C LYS C 29 -6.59 26.64 8.42
N PRO C 30 -5.65 27.58 8.65
CA PRO C 30 -5.97 29.01 8.54
C PRO C 30 -6.63 29.41 7.22
N LEU C 31 -6.44 28.60 6.17
CA LEU C 31 -7.05 28.89 4.88
C LEU C 31 -8.40 28.20 4.72
N TRP C 32 -8.44 26.88 4.90
CA TRP C 32 -9.71 26.19 4.74
C TRP C 32 -10.71 26.49 5.87
N SER C 33 -10.23 26.84 7.05
CA SER C 33 -11.14 27.14 8.15
C SER C 33 -11.99 28.38 7.82
N LYS C 34 -11.53 29.18 6.86
CA LYS C 34 -12.27 30.36 6.44
C LYS C 34 -13.22 30.01 5.30
N GLN C 35 -13.02 28.83 4.72
CA GLN C 35 -13.86 28.36 3.61
C GLN C 35 -14.91 27.37 4.09
N TYR C 36 -14.64 26.71 5.20
CA TYR C 36 -15.55 25.71 5.77
C TYR C 36 -15.39 25.68 7.29
N ASN C 37 -16.50 25.78 8.01
CA ASN C 37 -16.47 25.78 9.48
C ASN C 37 -16.09 24.43 10.12
N ALA C 38 -15.41 24.52 11.26
CA ALA C 38 -14.98 23.34 12.02
C ALA C 38 -15.30 23.59 13.49
N ASN C 39 -15.65 22.54 14.22
CA ASN C 39 -15.94 22.70 15.65
C ASN C 39 -14.63 22.72 16.41
N GLU C 40 -14.68 22.51 17.72
CA GLU C 40 -13.47 22.53 18.53
C GLU C 40 -12.74 21.19 18.51
N ARG C 41 -13.43 20.17 18.02
CA ARG C 41 -12.86 18.85 17.91
C ARG C 41 -12.19 18.79 16.53
N ASN C 42 -12.26 19.92 15.83
CA ASN C 42 -11.67 20.07 14.51
C ASN C 42 -12.43 19.37 13.40
N GLN C 43 -13.71 19.07 13.64
CA GLN C 43 -14.53 18.37 12.65
C GLN C 43 -15.40 19.34 11.86
N ILE C 44 -15.71 18.98 10.62
CA ILE C 44 -16.57 19.80 9.77
C ILE C 44 -17.83 18.99 9.50
N ASN C 45 -18.96 19.67 9.35
CA ASN C 45 -20.22 18.99 9.09
C ASN C 45 -20.34 18.61 7.62
N LEU C 46 -20.73 17.35 7.36
CA LEU C 46 -20.87 16.87 6.00
C LEU C 46 -22.10 16.00 5.82
N PRO C 47 -23.15 16.53 5.17
CA PRO C 47 -24.37 15.74 4.95
C PRO C 47 -24.06 14.61 3.96
N THR C 48 -24.83 13.54 4.05
CA THR C 48 -24.66 12.43 3.12
C THR C 48 -26.02 12.36 2.44
N HIS C 49 -26.25 13.31 1.54
CA HIS C 49 -27.51 13.43 0.84
C HIS C 49 -27.61 12.88 -0.58
N PRO C 50 -28.16 11.65 -0.73
CA PRO C 50 -28.30 11.04 -2.04
C PRO C 50 -29.07 11.95 -3.00
N ILE C 51 -28.76 11.86 -4.29
CA ILE C 51 -29.43 12.68 -5.30
C ILE C 51 -30.44 11.83 -6.08
N LEU C 52 -31.70 12.25 -6.07
CA LEU C 52 -32.76 11.55 -6.77
C LEU C 52 -32.98 12.09 -8.16
N ILE C 53 -32.84 11.24 -9.17
CA ILE C 53 -33.03 11.66 -10.56
C ILE C 53 -34.27 10.98 -11.14
N GLN C 54 -35.11 11.74 -11.83
CA GLN C 54 -36.32 11.20 -12.45
C GLN C 54 -36.51 11.63 -13.90
N THR C 55 -36.70 10.64 -14.77
CA THR C 55 -36.93 10.90 -16.19
C THR C 55 -38.34 10.41 -16.49
N ALA C 56 -38.78 10.59 -17.73
CA ALA C 56 -40.12 10.17 -18.11
C ALA C 56 -40.37 8.68 -17.90
N GLN C 57 -39.37 7.93 -17.43
CA GLN C 57 -39.55 6.49 -17.24
C GLN C 57 -38.87 5.87 -16.01
N TYR C 58 -37.67 6.35 -15.69
CA TYR C 58 -36.93 5.81 -14.55
C TYR C 58 -36.66 6.90 -13.52
N ASN C 59 -36.23 6.48 -12.33
CA ASN C 59 -35.95 7.42 -11.27
C ASN C 59 -34.77 6.95 -10.41
N LEU C 60 -33.67 6.60 -11.04
CA LEU C 60 -32.48 6.17 -10.35
C LEU C 60 -32.11 7.09 -9.20
N ILE C 61 -31.09 6.71 -8.44
CA ILE C 61 -30.65 7.51 -7.30
C ILE C 61 -29.13 7.42 -7.12
N ILE C 62 -28.52 8.52 -6.70
CA ILE C 62 -27.09 8.57 -6.49
C ILE C 62 -26.73 8.37 -5.02
N ASP C 63 -26.04 7.27 -4.72
CA ASP C 63 -25.65 6.95 -3.35
C ASP C 63 -26.86 6.66 -2.47
N ALA C 64 -26.60 6.24 -1.24
CA ALA C 64 -27.67 5.92 -0.31
C ALA C 64 -27.29 6.29 1.12
N GLY C 65 -26.94 7.55 1.31
CA GLY C 65 -26.56 8.02 2.64
C GLY C 65 -25.85 6.98 3.46
N ILE C 66 -26.14 6.95 4.75
CA ILE C 66 -25.51 5.99 5.65
C ILE C 66 -26.51 4.91 6.07
N GLY C 67 -27.77 5.13 5.76
CA GLY C 67 -28.80 4.16 6.09
C GLY C 67 -29.48 4.35 7.44
N ASN C 68 -30.00 3.26 8.00
CA ASN C 68 -30.69 3.30 9.29
C ASN C 68 -30.30 2.14 10.20
N GLY C 69 -29.36 2.39 11.12
CA GLY C 69 -28.94 1.35 12.03
C GLY C 69 -27.82 0.49 11.49
N LYS C 70 -27.32 0.82 10.30
CA LYS C 70 -26.22 0.08 9.71
C LYS C 70 -24.97 0.40 10.49
N LEU C 71 -24.89 1.63 10.99
CA LEU C 71 -23.76 2.05 11.79
C LEU C 71 -23.98 1.63 13.24
N SER C 72 -22.89 1.30 13.93
CA SER C 72 -22.96 0.88 15.32
C SER C 72 -22.83 2.11 16.22
N GLU C 73 -22.96 1.90 17.53
CA GLU C 73 -22.84 3.00 18.48
C GLU C 73 -21.50 3.69 18.27
N LYS C 74 -20.43 2.92 18.43
CA LYS C 74 -19.07 3.46 18.27
C LYS C 74 -18.94 4.29 16.99
N GLN C 75 -19.31 3.70 15.86
CA GLN C 75 -19.24 4.37 14.57
C GLN C 75 -20.09 5.63 14.57
N LEU C 76 -21.31 5.53 15.10
CA LEU C 76 -22.19 6.70 15.15
C LEU C 76 -21.50 7.85 15.83
N ARG C 77 -20.66 7.54 16.81
CA ARG C 77 -19.93 8.56 17.55
C ARG C 77 -18.64 9.01 16.87
N ASN C 78 -17.85 8.06 16.37
CA ASN C 78 -16.59 8.39 15.71
C ASN C 78 -16.73 9.24 14.45
N PHE C 79 -17.83 9.09 13.74
CA PHE C 79 -18.06 9.87 12.52
C PHE C 79 -19.01 11.03 12.78
N GLY C 80 -19.29 11.27 14.06
CA GLY C 80 -20.17 12.35 14.46
C GLY C 80 -21.55 12.37 13.82
N VAL C 81 -22.23 11.24 13.81
CA VAL C 81 -23.57 11.19 13.22
C VAL C 81 -24.59 11.85 14.15
N ASP C 82 -25.31 12.84 13.63
CA ASP C 82 -26.34 13.53 14.41
C ASP C 82 -27.68 12.87 14.14
N GLU C 83 -27.96 12.64 12.87
CA GLU C 83 -29.19 12.02 12.43
C GLU C 83 -28.92 10.99 11.33
N GLU C 84 -29.61 9.86 11.39
CA GLU C 84 -29.45 8.81 10.40
C GLU C 84 -30.34 9.12 9.19
N SER C 85 -30.24 8.31 8.14
CA SER C 85 -31.02 8.52 6.92
C SER C 85 -32.52 8.64 7.07
N HIS C 86 -33.09 9.58 6.33
CA HIS C 86 -34.54 9.82 6.31
C HIS C 86 -34.96 9.50 4.88
N ILE C 87 -34.09 8.75 4.21
CA ILE C 87 -34.27 8.35 2.83
C ILE C 87 -35.68 7.88 2.52
N ILE C 88 -36.19 6.96 3.35
CA ILE C 88 -37.53 6.42 3.15
C ILE C 88 -38.57 7.53 3.18
N ALA C 89 -38.44 8.43 4.16
CA ALA C 89 -39.38 9.54 4.28
C ALA C 89 -39.31 10.49 3.09
N ASP C 90 -38.13 11.09 2.89
CA ASP C 90 -37.94 12.03 1.78
C ASP C 90 -38.49 11.45 0.48
N LEU C 91 -38.15 10.20 0.19
CA LEU C 91 -38.63 9.55 -1.02
C LEU C 91 -40.15 9.62 -1.12
N ALA C 92 -40.83 9.48 0.01
CA ALA C 92 -42.29 9.53 0.03
C ALA C 92 -42.81 10.88 -0.48
N ASN C 93 -42.21 11.96 0.01
CA ASN C 93 -42.61 13.30 -0.41
C ASN C 93 -42.69 13.44 -1.93
N TYR C 94 -42.11 12.46 -2.64
CA TYR C 94 -42.13 12.48 -4.09
C TYR C 94 -42.93 11.31 -4.64
N ASN C 95 -43.83 10.78 -3.82
CA ASN C 95 -44.68 9.66 -4.21
C ASN C 95 -43.86 8.43 -4.58
N LEU C 96 -42.65 8.34 -4.03
CA LEU C 96 -41.77 7.20 -4.30
C LEU C 96 -41.49 6.43 -3.02
N THR C 97 -41.59 5.11 -3.11
CA THR C 97 -41.33 4.26 -1.97
C THR C 97 -40.11 3.38 -2.19
N PRO C 98 -39.49 2.93 -1.08
CA PRO C 98 -38.30 2.07 -1.14
C PRO C 98 -38.56 0.83 -1.98
N LYS C 99 -38.75 1.01 -3.29
CA LYS C 99 -39.02 -0.12 -4.18
C LYS C 99 -39.24 0.36 -5.61
N ASP C 100 -39.62 1.61 -5.76
CA ASP C 100 -39.84 2.18 -7.08
C ASP C 100 -38.54 2.39 -7.83
N ILE C 101 -37.48 2.74 -7.09
CA ILE C 101 -36.16 2.96 -7.70
C ILE C 101 -35.95 2.05 -8.93
N ASP C 102 -35.19 2.54 -9.88
CA ASP C 102 -34.92 1.77 -11.09
C ASP C 102 -33.42 1.59 -11.31
N TYR C 103 -32.60 2.31 -10.54
CA TYR C 103 -31.16 2.22 -10.66
C TYR C 103 -30.45 3.00 -9.56
N VAL C 104 -29.57 2.31 -8.84
CA VAL C 104 -28.77 2.94 -7.79
C VAL C 104 -27.39 3.03 -8.41
N LEU C 105 -27.00 4.26 -8.75
CA LEU C 105 -25.70 4.53 -9.38
C LEU C 105 -24.69 4.98 -8.33
N MSE C 106 -23.69 4.15 -8.06
CA MSE C 106 -22.68 4.49 -7.06
C MSE C 106 -21.49 5.26 -7.64
O MSE C 106 -21.12 5.04 -8.78
CB MSE C 106 -22.18 3.22 -6.39
CG MSE C 106 -23.23 2.34 -5.76
SE MSE C 106 -24.23 3.33 -4.51
CE MSE C 106 -23.08 3.22 -3.04
N THR C 107 -20.92 6.18 -6.84
CA THR C 107 -19.75 6.95 -7.24
C THR C 107 -18.55 6.18 -6.72
N HIS C 108 -18.73 5.59 -5.55
CA HIS C 108 -17.73 4.73 -4.90
C HIS C 108 -18.43 4.05 -3.73
N MSE C 109 -17.80 3.04 -3.16
CA MSE C 109 -18.44 2.30 -2.08
C MSE C 109 -17.97 2.60 -0.65
O MSE C 109 -18.08 1.73 0.23
CB MSE C 109 -18.34 0.79 -2.36
CG MSE C 109 -18.91 0.37 -3.66
SE MSE C 109 -20.84 0.37 -3.62
CE MSE C 109 -21.01 -0.95 -2.24
N HIS C 110 -17.44 3.79 -0.39
CA HIS C 110 -17.02 4.10 0.98
C HIS C 110 -18.29 4.11 1.84
N PHE C 111 -18.15 3.76 3.12
CA PHE C 111 -19.30 3.67 4.01
C PHE C 111 -20.26 4.87 4.01
N ASP C 112 -19.74 6.08 3.84
CA ASP C 112 -20.57 7.27 3.85
C ASP C 112 -21.44 7.41 2.60
N HIS C 113 -21.33 6.43 1.70
CA HIS C 113 -22.10 6.46 0.46
C HIS C 113 -22.92 5.18 0.23
N ALA C 114 -22.44 4.05 0.76
CA ALA C 114 -23.10 2.77 0.54
C ALA C 114 -23.76 2.07 1.72
N ALA C 115 -23.55 2.55 2.95
CA ALA C 115 -24.16 1.92 4.12
C ALA C 115 -25.69 1.93 4.00
N GLY C 116 -26.23 2.89 3.27
CA GLY C 116 -27.66 2.97 3.11
C GLY C 116 -28.21 2.05 2.05
N LEU C 117 -27.34 1.23 1.47
CA LEU C 117 -27.77 0.28 0.45
C LEU C 117 -28.52 -0.92 1.01
N THR C 118 -28.25 -1.28 2.26
CA THR C 118 -28.94 -2.43 2.84
C THR C 118 -29.40 -2.18 4.28
N ASP C 119 -30.20 -3.12 4.79
CA ASP C 119 -30.71 -3.03 6.15
C ASP C 119 -29.79 -3.76 7.10
N GLN C 120 -30.28 -4.03 8.29
CA GLN C 120 -29.37 -4.66 9.26
C GLN C 120 -29.05 -6.10 8.99
N ALA C 121 -29.77 -6.70 8.05
CA ALA C 121 -29.48 -8.06 7.72
C ALA C 121 -28.92 -8.14 6.30
N GLY C 122 -28.38 -7.03 5.80
CA GLY C 122 -27.80 -7.03 4.47
C GLY C 122 -28.79 -7.27 3.35
N HIS C 123 -30.02 -6.81 3.53
CA HIS C 123 -31.00 -6.99 2.51
C HIS C 123 -31.16 -5.63 1.84
N ALA C 124 -31.27 -5.68 0.52
CA ALA C 124 -31.39 -4.48 -0.27
C ALA C 124 -32.53 -3.56 0.06
N ILE C 125 -32.19 -2.30 0.27
CA ILE C 125 -33.18 -1.31 0.52
C ILE C 125 -33.88 -1.08 -0.78
N PHE C 126 -33.20 -1.44 -1.86
CA PHE C 126 -33.76 -1.19 -3.14
C PHE C 126 -33.97 -2.35 -4.06
N GLU C 127 -34.88 -3.23 -3.68
CA GLU C 127 -35.18 -4.37 -4.53
C GLU C 127 -35.69 -3.76 -5.84
N ASN C 128 -35.51 -4.48 -6.93
CA ASN C 128 -35.96 -3.99 -8.23
C ASN C 128 -35.00 -2.97 -8.81
N ALA C 129 -33.97 -2.62 -8.05
CA ALA C 129 -33.00 -1.63 -8.51
C ALA C 129 -31.70 -2.27 -9.00
N ILE C 130 -31.30 -1.90 -10.21
CA ILE C 130 -30.06 -2.40 -10.77
C ILE C 130 -29.00 -1.47 -10.18
N HIS C 131 -28.01 -2.04 -9.50
CA HIS C 131 -26.96 -1.24 -8.90
C HIS C 131 -25.72 -1.21 -9.78
N VAL C 132 -25.43 -0.04 -10.33
CA VAL C 132 -24.28 0.14 -11.20
C VAL C 132 -23.08 0.65 -10.43
N VAL C 133 -22.03 -0.17 -10.39
CA VAL C 133 -20.79 0.18 -9.69
C VAL C 133 -19.62 -0.03 -10.64
N GLN C 134 -18.62 0.83 -10.50
CA GLN C 134 -17.42 0.73 -11.33
C GLN C 134 -16.79 -0.63 -11.00
N GLN C 135 -16.37 -1.35 -12.04
CA GLN C 135 -15.78 -2.68 -11.85
C GLN C 135 -14.63 -2.75 -10.85
N ASP C 136 -13.60 -1.93 -11.02
CA ASP C 136 -12.47 -1.95 -10.08
C ASP C 136 -12.86 -1.51 -8.69
N GLU C 137 -13.86 -0.63 -8.60
CA GLU C 137 -14.33 -0.15 -7.29
C GLU C 137 -15.00 -1.31 -6.57
N TRP C 138 -15.78 -2.09 -7.31
CA TRP C 138 -16.48 -3.22 -6.73
C TRP C 138 -15.47 -4.23 -6.19
N HIS C 139 -14.39 -4.47 -6.94
CA HIS C 139 -13.37 -5.42 -6.51
C HIS C 139 -12.70 -5.00 -5.22
N GLU C 140 -12.34 -3.73 -5.11
CA GLU C 140 -11.67 -3.29 -3.89
C GLU C 140 -12.64 -3.33 -2.71
N PHE C 141 -13.89 -2.97 -2.97
CA PHE C 141 -14.90 -2.97 -1.93
C PHE C 141 -14.99 -4.34 -1.25
N ILE C 142 -15.11 -5.41 -2.04
CA ILE C 142 -15.22 -6.74 -1.50
C ILE C 142 -13.89 -7.33 -1.10
N ALA C 143 -12.80 -6.64 -1.43
CA ALA C 143 -11.44 -7.09 -1.11
C ALA C 143 -10.57 -5.94 -0.61
N PRO C 144 -10.96 -5.30 0.50
CA PRO C 144 -10.25 -4.17 1.11
C PRO C 144 -8.79 -4.44 1.48
N ASN C 145 -7.96 -3.40 1.47
CA ASN C 145 -6.56 -3.54 1.87
C ASN C 145 -6.52 -2.90 3.25
N ILE C 146 -5.39 -3.00 3.95
CA ILE C 146 -5.29 -2.44 5.31
C ILE C 146 -5.71 -1.00 5.53
N ARG C 147 -5.86 -0.23 4.45
CA ARG C 147 -6.28 1.16 4.57
C ARG C 147 -7.74 1.30 4.13
N SER C 148 -8.11 0.54 3.12
CA SER C 148 -9.47 0.53 2.56
C SER C 148 -10.47 -0.09 3.52
N LYS C 149 -9.98 -0.94 4.41
CA LYS C 149 -10.83 -1.61 5.38
C LYS C 149 -11.56 -0.64 6.31
N SER C 150 -11.12 0.62 6.34
CA SER C 150 -11.73 1.62 7.20
C SER C 150 -13.05 2.16 6.64
N THR C 151 -13.21 2.15 5.32
CA THR C 151 -14.43 2.62 4.70
C THR C 151 -15.21 1.47 4.05
N TYR C 152 -14.50 0.46 3.58
CA TYR C 152 -15.16 -0.67 2.94
C TYR C 152 -15.52 -1.68 4.00
N TRP C 153 -16.81 -1.82 4.25
CA TRP C 153 -17.26 -2.75 5.28
C TRP C 153 -17.96 -3.97 4.73
N ASP C 154 -17.63 -5.13 5.31
CA ASP C 154 -18.26 -6.37 4.90
C ASP C 154 -19.75 -6.18 5.17
N LYS C 155 -20.02 -5.52 6.29
CA LYS C 155 -21.36 -5.21 6.75
C LYS C 155 -22.23 -4.47 5.71
N ASN C 156 -21.60 -3.91 4.69
CA ASN C 156 -22.35 -3.21 3.65
C ASN C 156 -22.61 -4.08 2.42
N LYS C 157 -22.39 -5.39 2.56
CA LYS C 157 -22.65 -6.32 1.48
C LYS C 157 -24.13 -6.67 1.56
N GLY C 158 -24.73 -7.09 0.45
CA GLY C 158 -26.14 -7.41 0.48
C GLY C 158 -26.74 -8.00 -0.80
N ASP C 159 -28.02 -8.31 -0.72
CA ASP C 159 -28.79 -8.90 -1.82
C ASP C 159 -28.77 -8.05 -3.07
N TYR C 160 -28.51 -6.76 -2.91
CA TYR C 160 -28.49 -5.86 -4.05
C TYR C 160 -27.51 -6.32 -5.13
N SER C 161 -26.48 -7.05 -4.73
CA SER C 161 -25.47 -7.53 -5.68
C SER C 161 -26.06 -8.50 -6.71
N ASN C 162 -27.27 -9.00 -6.45
CA ASN C 162 -27.89 -9.91 -7.39
C ASN C 162 -28.43 -9.15 -8.60
N LYS C 163 -28.36 -7.82 -8.54
CA LYS C 163 -28.80 -6.95 -9.64
C LYS C 163 -27.68 -5.95 -9.90
N LEU C 164 -26.46 -6.41 -9.71
CA LEU C 164 -25.26 -5.60 -9.89
C LEU C 164 -24.79 -5.59 -11.34
N ILE C 165 -24.50 -4.40 -11.84
CA ILE C 165 -24.00 -4.22 -13.19
C ILE C 165 -22.74 -3.39 -13.06
N LEU C 166 -21.62 -3.94 -13.54
CA LEU C 166 -20.32 -3.26 -13.48
C LEU C 166 -19.98 -2.63 -14.82
N PHE C 167 -19.05 -1.68 -14.80
CA PHE C 167 -18.60 -1.00 -16.02
C PHE C 167 -17.16 -0.56 -15.76
N GLU C 168 -16.45 -0.19 -16.83
CA GLU C 168 -15.06 0.22 -16.70
C GLU C 168 -14.78 1.72 -16.83
N LYS C 169 -14.82 2.24 -18.05
CA LYS C 169 -14.55 3.65 -18.35
C LYS C 169 -15.79 4.55 -18.28
N HIS C 170 -16.85 4.15 -18.96
CA HIS C 170 -18.08 4.94 -18.98
C HIS C 170 -19.29 4.08 -19.28
N PHE C 171 -20.45 4.53 -18.83
CA PHE C 171 -21.69 3.79 -19.00
C PHE C 171 -22.88 4.74 -18.96
N GLU C 172 -23.78 4.57 -19.93
CA GLU C 172 -24.97 5.40 -20.04
C GLU C 172 -26.17 4.50 -19.79
N PRO C 173 -26.61 4.36 -18.53
CA PRO C 173 -27.75 3.55 -18.08
C PRO C 173 -29.02 3.93 -18.83
N VAL C 174 -29.43 5.17 -18.68
CA VAL C 174 -30.61 5.69 -19.35
C VAL C 174 -30.14 6.91 -20.13
N PRO C 175 -30.80 7.22 -21.24
CA PRO C 175 -30.40 8.39 -22.04
C PRO C 175 -30.17 9.62 -21.19
N GLY C 176 -29.11 10.37 -21.50
CA GLY C 176 -28.82 11.58 -20.77
C GLY C 176 -27.96 11.42 -19.52
N ILE C 177 -27.91 10.21 -18.96
CA ILE C 177 -27.10 9.99 -17.76
C ILE C 177 -25.85 9.21 -18.14
N LYS C 178 -24.69 9.81 -17.90
CA LYS C 178 -23.41 9.18 -18.20
C LYS C 178 -22.55 9.04 -16.96
N MSE C 179 -22.02 7.85 -16.74
CA MSE C 179 -21.15 7.58 -15.61
C MSE C 179 -19.75 7.50 -16.20
O MSE C 179 -19.52 6.80 -17.18
CB MSE C 179 -21.53 6.26 -14.94
CG MSE C 179 -22.95 6.26 -14.49
SE MSE C 179 -23.41 4.56 -13.72
CE MSE C 179 -22.88 4.97 -11.93
N GLN C 180 -18.81 8.25 -15.62
CA GLN C 180 -17.44 8.29 -16.10
C GLN C 180 -16.47 7.97 -14.99
N HIS C 181 -15.57 7.02 -15.24
CA HIS C 181 -14.56 6.60 -14.29
C HIS C 181 -13.50 7.69 -14.17
N SER C 182 -13.15 8.08 -12.94
CA SER C 182 -12.17 9.14 -12.74
C SER C 182 -10.96 8.78 -11.89
N GLY C 183 -11.13 7.85 -10.96
CA GLY C 183 -10.03 7.47 -10.09
C GLY C 183 -9.79 8.66 -9.19
N GLY C 184 -8.64 8.71 -8.53
CA GLY C 184 -8.36 9.84 -7.64
C GLY C 184 -8.72 9.53 -6.19
N HIS C 185 -9.95 9.86 -5.80
CA HIS C 185 -10.40 9.63 -4.42
C HIS C 185 -10.17 8.18 -4.04
N SER C 186 -10.63 7.29 -4.91
CA SER C 186 -10.46 5.85 -4.73
C SER C 186 -10.12 5.39 -6.14
N PHE C 187 -9.50 4.21 -6.26
CA PHE C 187 -9.13 3.72 -7.57
C PHE C 187 -10.29 3.64 -8.57
N GLY C 188 -11.46 3.23 -8.09
CA GLY C 188 -12.61 3.12 -8.99
C GLY C 188 -13.59 4.27 -8.96
N HIS C 189 -13.23 5.38 -8.30
CA HIS C 189 -14.12 6.52 -8.20
C HIS C 189 -14.73 6.97 -9.53
N THR C 190 -16.02 7.28 -9.49
CA THR C 190 -16.77 7.67 -10.69
C THR C 190 -17.52 8.99 -10.51
N ILE C 191 -17.67 9.75 -11.59
CA ILE C 191 -18.46 10.98 -11.58
C ILE C 191 -19.68 10.66 -12.47
N ILE C 192 -20.71 11.50 -12.40
CA ILE C 192 -21.91 11.29 -13.19
C ILE C 192 -22.43 12.60 -13.74
N THR C 193 -22.67 12.64 -15.05
CA THR C 193 -23.19 13.84 -15.67
C THR C 193 -24.63 13.61 -16.17
N ILE C 194 -25.46 14.63 -16.04
CA ILE C 194 -26.85 14.55 -16.47
C ILE C 194 -27.07 15.62 -17.51
N GLU C 195 -27.48 15.22 -18.70
CA GLU C 195 -27.73 16.18 -19.76
C GLU C 195 -29.01 15.92 -20.55
N SER C 196 -29.82 16.96 -20.70
CA SER C 196 -31.08 16.89 -21.42
C SER C 196 -31.38 18.23 -22.07
N GLN C 197 -31.78 18.20 -23.33
CA GLN C 197 -32.05 19.42 -24.07
C GLN C 197 -30.73 20.17 -24.01
N GLY C 198 -30.76 21.45 -23.71
CA GLY C 198 -29.52 22.19 -23.63
C GLY C 198 -28.90 22.24 -22.25
N ASP C 199 -29.60 21.76 -21.24
CA ASP C 199 -29.10 21.79 -19.86
C ASP C 199 -28.12 20.68 -19.49
N LYS C 200 -27.22 21.02 -18.58
CA LYS C 200 -26.20 20.09 -18.14
C LYS C 200 -25.92 20.19 -16.65
N ALA C 201 -25.76 19.03 -16.01
CA ALA C 201 -25.47 18.97 -14.59
C ALA C 201 -24.44 17.88 -14.37
N VAL C 202 -23.65 18.02 -13.31
CA VAL C 202 -22.64 17.02 -13.00
C VAL C 202 -22.38 16.90 -11.52
N HIS C 203 -22.14 15.67 -11.09
CA HIS C 203 -21.82 15.40 -9.70
C HIS C 203 -20.46 14.74 -9.76
N MSE C 204 -19.43 15.43 -9.27
CA MSE C 204 -18.09 14.88 -9.29
C MSE C 204 -17.71 14.08 -8.05
O MSE C 204 -16.52 13.87 -7.78
CB MSE C 204 -17.07 16.00 -9.56
CG MSE C 204 -17.02 16.29 -11.05
SE MSE C 204 -16.10 17.86 -11.44
CE MSE C 204 -14.34 17.25 -10.91
N GLY C 205 -18.71 13.61 -7.31
CA GLY C 205 -18.45 12.82 -6.12
C GLY C 205 -17.38 13.41 -5.20
N ASP C 206 -16.58 12.53 -4.58
CA ASP C 206 -15.57 13.00 -3.65
C ASP C 206 -14.31 13.55 -4.29
N ILE C 207 -14.40 13.86 -5.58
CA ILE C 207 -13.27 14.44 -6.29
C ILE C 207 -13.52 15.97 -6.31
N PHE C 208 -14.71 16.35 -5.83
CA PHE C 208 -15.14 17.74 -5.69
C PHE C 208 -16.24 17.69 -4.63
N PRO C 209 -15.88 17.28 -3.40
CA PRO C 209 -16.75 17.12 -2.23
C PRO C 209 -17.68 18.30 -1.93
N THR C 210 -17.08 19.47 -1.74
CA THR C 210 -17.83 20.69 -1.43
C THR C 210 -17.32 21.83 -2.28
N THR C 211 -18.06 22.94 -2.27
CA THR C 211 -17.69 24.13 -3.01
C THR C 211 -16.33 24.66 -2.58
N ALA C 212 -15.87 24.27 -1.40
CA ALA C 212 -14.57 24.72 -0.93
C ALA C 212 -13.41 23.96 -1.57
N HIS C 213 -13.72 22.90 -2.32
CA HIS C 213 -12.69 22.10 -2.97
C HIS C 213 -12.55 22.40 -4.45
N LYS C 214 -13.02 23.57 -4.88
CA LYS C 214 -12.95 23.92 -6.29
C LYS C 214 -11.53 23.99 -6.83
N ASN C 215 -10.59 24.51 -6.03
CA ASN C 215 -9.20 24.59 -6.45
C ASN C 215 -8.72 23.14 -6.67
N PRO C 216 -8.25 22.81 -7.87
CA PRO C 216 -7.79 21.44 -8.12
C PRO C 216 -6.75 20.92 -7.12
N LEU C 217 -5.95 21.81 -6.56
CA LEU C 217 -4.94 21.44 -5.59
C LEU C 217 -5.51 21.11 -4.19
N TRP C 218 -6.77 21.49 -3.96
CA TRP C 218 -7.40 21.24 -2.67
C TRP C 218 -8.14 19.90 -2.65
N VAL C 219 -7.40 18.81 -2.52
CA VAL C 219 -7.99 17.47 -2.48
C VAL C 219 -7.90 16.89 -1.06
N THR C 220 -8.83 16.01 -0.72
CA THR C 220 -8.83 15.41 0.61
C THR C 220 -7.65 14.47 0.80
N ALA C 221 -7.26 14.24 2.05
CA ALA C 221 -6.16 13.34 2.35
C ALA C 221 -6.63 11.90 2.18
N TYR C 222 -7.96 11.73 2.08
CA TYR C 222 -8.57 10.41 1.90
C TYR C 222 -8.28 9.85 0.52
N ASP C 223 -8.07 10.75 -0.45
CA ASP C 223 -7.79 10.37 -1.81
C ASP C 223 -6.59 9.43 -1.84
N ASP C 224 -6.79 8.22 -2.34
CA ASP C 224 -5.73 7.23 -2.42
C ASP C 224 -4.73 7.58 -3.51
N TYR C 225 -5.16 8.31 -4.52
CA TYR C 225 -4.28 8.73 -5.60
C TYR C 225 -4.48 10.20 -5.91
N PRO C 226 -4.06 11.08 -4.98
CA PRO C 226 -4.20 12.53 -5.13
C PRO C 226 -3.71 13.09 -6.47
N MSE C 227 -2.66 12.50 -7.04
CA MSE C 227 -2.17 13.02 -8.33
C MSE C 227 -3.22 12.85 -9.45
O MSE C 227 -3.34 13.69 -10.32
CB MSE C 227 -0.85 12.34 -8.73
CG MSE C 227 0.32 12.59 -7.82
SE MSE C 227 0.64 14.46 -7.66
CE MSE C 227 -0.03 14.70 -5.98
N GLN C 228 -3.99 11.76 -9.37
CA GLN C 228 -5.04 11.50 -10.36
C GLN C 228 -6.22 12.41 -10.11
N SER C 229 -6.45 12.72 -8.84
CA SER C 229 -7.56 13.59 -8.45
C SER C 229 -7.35 14.97 -9.05
N ILE C 230 -6.14 15.48 -8.87
CA ILE C 230 -5.78 16.77 -9.38
C ILE C 230 -5.90 16.76 -10.90
N ARG C 231 -5.36 15.71 -11.53
CA ARG C 231 -5.42 15.60 -12.97
C ARG C 231 -6.87 15.74 -13.46
N GLU C 232 -7.79 15.01 -12.83
CA GLU C 232 -9.18 15.05 -13.24
C GLU C 232 -9.83 16.41 -13.00
N LYS C 233 -9.60 16.97 -11.82
CA LYS C 233 -10.14 18.26 -11.45
C LYS C 233 -9.59 19.37 -12.36
N GLU C 234 -8.30 19.31 -12.66
CA GLU C 234 -7.68 20.32 -13.52
C GLU C 234 -8.36 20.40 -14.89
N ARG C 235 -8.81 19.27 -15.41
CA ARG C 235 -9.44 19.28 -16.72
C ARG C 235 -10.97 19.35 -16.72
N MSE C 236 -11.62 18.63 -15.82
CA MSE C 236 -13.08 18.62 -15.78
C MSE C 236 -13.73 19.95 -15.43
O MSE C 236 -14.54 20.48 -16.18
CB MSE C 236 -13.58 17.55 -14.80
CG MSE C 236 -13.15 16.16 -15.17
SE MSE C 236 -13.85 14.94 -13.88
CE MSE C 236 -14.25 13.55 -15.13
N ILE C 237 -13.39 20.49 -14.26
CA ILE C 237 -13.97 21.74 -13.79
C ILE C 237 -13.97 22.88 -14.82
N PRO C 238 -12.81 23.19 -15.43
CA PRO C 238 -12.83 24.27 -16.42
C PRO C 238 -13.76 23.97 -17.58
N TYR C 239 -13.82 22.70 -17.97
CA TYR C 239 -14.69 22.28 -19.08
C TYR C 239 -16.17 22.40 -18.72
N PHE C 240 -16.54 21.84 -17.58
CA PHE C 240 -17.91 21.88 -17.12
C PHE C 240 -18.39 23.32 -16.92
N ILE C 241 -17.48 24.20 -16.52
CA ILE C 241 -17.82 25.60 -16.31
C ILE C 241 -18.02 26.26 -17.67
N GLN C 242 -17.09 26.01 -18.59
CA GLN C 242 -17.16 26.58 -19.94
C GLN C 242 -18.48 26.15 -20.60
N GLN C 243 -18.95 24.96 -20.26
CA GLN C 243 -20.19 24.42 -20.81
C GLN C 243 -21.42 24.80 -19.99
N GLN C 244 -21.21 25.65 -18.98
CA GLN C 244 -22.30 26.11 -18.12
C GLN C 244 -23.04 24.99 -17.39
N TYR C 245 -22.27 24.09 -16.80
CA TYR C 245 -22.83 22.96 -16.06
C TYR C 245 -23.25 23.36 -14.66
N TRP C 246 -24.20 22.62 -14.11
CA TRP C 246 -24.65 22.82 -12.74
C TRP C 246 -23.84 21.80 -11.96
N PHE C 247 -23.19 22.22 -10.89
CA PHE C 247 -22.42 21.28 -10.09
C PHE C 247 -23.27 20.84 -8.92
N LEU C 248 -23.54 19.54 -8.85
CA LEU C 248 -24.36 18.98 -7.77
C LEU C 248 -23.45 18.45 -6.67
N PHE C 249 -23.87 18.62 -5.42
CA PHE C 249 -23.08 18.17 -4.28
C PHE C 249 -23.82 17.19 -3.39
N TYR C 250 -23.05 16.33 -2.74
CA TYR C 250 -23.60 15.30 -1.87
C TYR C 250 -23.24 15.59 -0.42
N HIS C 251 -22.06 16.15 -0.20
CA HIS C 251 -21.59 16.44 1.15
C HIS C 251 -21.67 17.91 1.57
N ASP C 252 -21.92 18.83 0.64
CA ASP C 252 -21.94 20.26 1.00
C ASP C 252 -23.14 20.63 1.86
N GLU C 253 -22.85 21.24 3.00
CA GLU C 253 -23.90 21.62 3.94
C GLU C 253 -24.69 22.87 3.57
N ASN C 254 -24.18 23.67 2.65
CA ASN C 254 -24.86 24.91 2.28
C ASN C 254 -25.49 24.93 0.90
N TYR C 255 -24.83 24.27 -0.05
CA TYR C 255 -25.31 24.24 -1.41
C TYR C 255 -25.72 22.84 -1.87
N PHE C 256 -26.60 22.80 -2.85
CA PHE C 256 -27.03 21.54 -3.44
C PHE C 256 -26.50 21.58 -4.86
N ALA C 257 -26.71 22.72 -5.50
CA ALA C 257 -26.26 22.93 -6.86
C ALA C 257 -25.66 24.32 -6.94
N VAL C 258 -24.74 24.49 -7.87
CA VAL C 258 -24.06 25.76 -8.04
C VAL C 258 -23.72 25.89 -9.51
N LYS C 259 -23.65 27.11 -10.01
CA LYS C 259 -23.28 27.38 -11.38
C LYS C 259 -22.35 28.58 -11.33
N TYR C 260 -21.10 28.38 -11.77
CA TYR C 260 -20.09 29.42 -11.74
C TYR C 260 -20.20 30.38 -12.94
N SER C 261 -19.65 31.57 -12.77
CA SER C 261 -19.62 32.58 -13.80
C SER C 261 -18.69 32.04 -14.88
N ASP C 262 -18.76 32.61 -16.08
CA ASP C 262 -17.94 32.13 -17.19
C ASP C 262 -16.43 32.32 -17.04
N ASP C 263 -15.95 32.23 -15.80
CA ASP C 263 -14.52 32.43 -15.57
C ASP C 263 -14.15 31.78 -14.24
N GLY C 264 -15.11 31.11 -13.63
CA GLY C 264 -14.86 30.44 -12.36
C GLY C 264 -14.57 31.33 -11.18
N GLU C 265 -14.45 32.64 -11.38
CA GLU C 265 -14.16 33.52 -10.26
C GLU C 265 -15.25 33.53 -9.18
N ASN C 266 -16.53 33.47 -9.56
CA ASN C 266 -17.60 33.49 -8.56
C ASN C 266 -18.77 32.56 -8.83
N ILE C 267 -19.64 32.44 -7.82
CA ILE C 267 -20.84 31.62 -7.91
C ILE C 267 -21.97 32.48 -8.49
N ASP C 268 -22.38 32.18 -9.72
CA ASP C 268 -23.42 32.94 -10.40
C ASP C 268 -24.85 32.51 -10.05
N ALA C 269 -25.05 31.23 -9.75
CA ALA C 269 -26.38 30.74 -9.39
C ALA C 269 -26.23 29.64 -8.34
N TYR C 270 -27.29 29.36 -7.59
CA TYR C 270 -27.21 28.33 -6.59
C TYR C 270 -28.54 27.93 -5.93
N ILE C 271 -28.54 26.75 -5.33
CA ILE C 271 -29.68 26.20 -4.63
C ILE C 271 -29.18 25.70 -3.29
N LEU C 272 -29.51 26.42 -2.21
CA LEU C 272 -29.08 26.05 -0.86
C LEU C 272 -29.72 24.71 -0.53
N ARG C 273 -29.39 24.15 0.62
CA ARG C 273 -29.98 22.86 0.95
C ARG C 273 -30.68 22.73 2.30
N GLU C 274 -31.92 22.26 2.22
CA GLU C 274 -32.81 22.00 3.35
C GLU C 274 -33.68 23.15 3.83
N THR C 275 -34.34 22.85 4.94
CA THR C 275 -35.21 23.75 5.67
C THR C 275 -35.04 23.29 7.12
#